data_6CHJ
#
_entry.id   6CHJ
#
_cell.length_a   69.268
_cell.length_b   103.905
_cell.length_c   69.529
_cell.angle_alpha   90.00
_cell.angle_beta   103.51
_cell.angle_gamma   90.00
#
_symmetry.space_group_name_H-M   'P 1 21 1'
#
loop_
_entity.id
_entity.type
_entity.pdbx_description
1 polymer 'Diacylglycerol O-acyltransferase'
2 non-polymer 'CHLORIDE ION'
3 water water
#
_entity_poly.entity_id   1
_entity_poly.type   'polypeptide(L)'
_entity_poly.pdbx_seq_one_letter_code
;MTPLNPTDQLFLWLEKRQQPMHVGGLQLFSFPEGAPDDYVAQLADQLRQKTEVTAPFNQRLSYRLGQPVWVEDEHLDLEH
HFRFEALPTPGRIRELLSFVSAEHSHLMDRERPMWEVHLIEGLKDRQFALYTKVHHSLVDGVSAMRMATRMLSENPDEHG
MPPIWDLPCLSRDRGESDGHSLWRSVTHLLGLSGRQLGTIPTVAKELLKTINQARKDPAYDSIFHAPRCMLNQKITGSRR
FAAQSWCLKRIRAVCEAYGTTVNDVVTAMCAAALRTYLMNQDALPEKPLVAFVPVSLRRDDSSGGNQVGVILASLHTDVQ
EAGERLLKIHHGMEEAKQRYRHMSPEEIVNYTALTLAPAAFHLLTGLAPKWQTFNVVISNVPGPSRPLYWNGAKLEGMYP
VSIDMDRLALNMTLTSYNDQVEFGLIGCRRTLPSLQRMLDYLEQGLAELELNAGL
;
_entity_poly.pdbx_strand_id   A,B
#
loop_
_chem_comp.id
_chem_comp.type
_chem_comp.name
_chem_comp.formula
CL non-polymer 'CHLORIDE ION' 'Cl -1'
#
# COMPACT_ATOMS: atom_id res chain seq x y z
N THR A 2 10.57 25.93 7.56
CA THR A 2 11.26 25.84 6.27
C THR A 2 10.26 25.65 5.15
N PRO A 3 10.28 26.51 4.14
CA PRO A 3 9.49 26.23 2.93
C PRO A 3 10.24 25.30 1.98
N LEU A 4 9.47 24.54 1.20
CA LEU A 4 10.08 23.62 0.24
C LEU A 4 10.74 24.42 -0.87
N ASN A 5 11.96 24.06 -1.23
CA ASN A 5 12.52 24.60 -2.45
C ASN A 5 11.62 24.19 -3.61
N PRO A 6 11.67 24.91 -4.74
CA PRO A 6 10.66 24.65 -5.78
C PRO A 6 10.77 23.28 -6.43
N THR A 7 11.96 22.64 -6.43
CA THR A 7 12.04 21.30 -6.99
C THR A 7 11.38 20.27 -6.08
N ASP A 8 11.40 20.52 -4.76
CA ASP A 8 10.63 19.72 -3.83
C ASP A 8 9.12 19.86 -4.08
N GLN A 9 8.67 21.06 -4.45
CA GLN A 9 7.26 21.24 -4.75
C GLN A 9 6.84 20.43 -5.98
N LEU A 10 7.73 20.32 -6.98
CA LEU A 10 7.38 19.60 -8.19
C LEU A 10 7.06 18.13 -7.93
N PHE A 11 7.84 17.48 -7.05
CA PHE A 11 7.65 16.05 -6.85
C PHE A 11 6.35 15.76 -6.11
N LEU A 12 5.87 16.70 -5.31
CA LEU A 12 4.53 16.52 -4.75
C LEU A 12 3.48 16.75 -5.83
N TRP A 13 3.76 17.63 -6.79
CA TRP A 13 2.77 17.96 -7.80
C TRP A 13 2.72 16.89 -8.91
N LEU A 14 3.87 16.33 -9.28
CA LEU A 14 3.86 15.20 -10.20
C LEU A 14 3.13 13.97 -9.67
N GLU A 15 2.97 13.83 -8.35
CA GLU A 15 2.54 12.56 -7.77
C GLU A 15 1.05 12.29 -8.01
N LYS A 16 0.74 11.05 -8.37
CA LYS A 16 -0.63 10.54 -8.51
C LYS A 16 -0.59 9.06 -8.14
N ARG A 17 -1.77 8.43 -8.09
CA ARG A 17 -1.81 7.00 -7.77
C ARG A 17 -0.98 6.18 -8.74
N GLN A 18 -0.91 6.60 -10.02
CA GLN A 18 -0.17 5.93 -11.08
C GLN A 18 1.33 6.13 -10.99
N GLN A 19 1.80 7.19 -10.34
CA GLN A 19 3.23 7.50 -10.30
C GLN A 19 3.56 8.10 -8.95
N PRO A 20 3.69 7.27 -7.92
CA PRO A 20 4.23 7.77 -6.66
C PRO A 20 5.62 8.33 -6.92
N MET A 21 5.97 9.36 -6.16
CA MET A 21 7.24 10.03 -6.37
C MET A 21 8.17 9.81 -5.18
N HIS A 22 8.26 8.56 -4.73
CA HIS A 22 9.22 8.18 -3.71
C HIS A 22 10.32 7.35 -4.34
N VAL A 23 11.53 7.50 -3.80
CA VAL A 23 12.67 6.67 -4.19
C VAL A 23 12.91 5.64 -3.09
N GLY A 24 13.73 4.64 -3.39
CA GLY A 24 14.00 3.59 -2.43
C GLY A 24 15.35 2.93 -2.63
N GLY A 25 15.78 2.23 -1.59
CA GLY A 25 17.03 1.51 -1.66
C GLY A 25 16.89 0.11 -1.10
N LEU A 26 17.40 -0.87 -1.83
CA LEU A 26 17.47 -2.25 -1.36
C LEU A 26 18.93 -2.51 -0.96
N GLN A 27 19.19 -2.55 0.34
CA GLN A 27 20.49 -2.92 0.89
C GLN A 27 20.46 -4.37 1.35
N LEU A 28 21.44 -5.15 0.91
CA LEU A 28 21.57 -6.55 1.28
C LEU A 28 22.77 -6.70 2.22
N PHE A 29 22.57 -7.32 3.38
CA PHE A 29 23.62 -7.49 4.36
C PHE A 29 23.82 -8.97 4.68
N SER A 30 24.98 -9.27 5.24
CA SER A 30 25.24 -10.57 5.83
C SER A 30 25.23 -10.43 7.34
N PHE A 31 24.88 -11.52 8.01
CA PHE A 31 25.00 -11.64 9.46
C PHE A 31 26.42 -11.26 9.89
N PRO A 32 26.60 -10.54 11.01
CA PRO A 32 27.96 -10.36 11.53
C PRO A 32 28.53 -11.71 11.90
N GLU A 33 29.86 -11.79 11.96
CA GLU A 33 30.51 -13.09 12.17
C GLU A 33 30.07 -13.69 13.51
N GLY A 34 29.66 -14.95 13.46
CA GLY A 34 29.24 -15.65 14.66
C GLY A 34 28.01 -15.06 15.32
N ALA A 35 27.09 -14.52 14.52
CA ALA A 35 25.90 -14.00 15.16
C ALA A 35 24.85 -15.11 15.27
N PRO A 36 24.00 -15.03 16.31
CA PRO A 36 22.97 -16.06 16.50
C PRO A 36 21.99 -16.11 15.35
N ASP A 37 21.13 -17.14 15.39
CA ASP A 37 20.15 -17.31 14.33
C ASP A 37 18.99 -16.34 14.48
N ASP A 38 18.69 -15.91 15.71
CA ASP A 38 17.69 -14.89 15.95
C ASP A 38 18.25 -13.48 15.80
N TYR A 39 19.31 -13.33 14.99
CA TYR A 39 20.01 -12.04 14.89
C TYR A 39 19.07 -10.94 14.43
N VAL A 40 18.29 -11.19 13.38
CA VAL A 40 17.48 -10.09 12.84
C VAL A 40 16.36 -9.72 13.81
N ALA A 41 15.69 -10.73 14.40
CA ALA A 41 14.70 -10.44 15.43
C ALA A 41 15.33 -9.65 16.58
N GLN A 42 16.52 -10.04 17.02
CA GLN A 42 17.25 -9.27 18.02
C GLN A 42 17.55 -7.87 17.51
N LEU A 43 18.07 -7.78 16.28
CA LEU A 43 18.31 -6.47 15.66
C LEU A 43 17.02 -5.67 15.56
N ALA A 44 15.95 -6.31 15.10
CA ALA A 44 14.66 -5.62 15.01
C ALA A 44 14.31 -4.98 16.34
N ASP A 45 14.36 -5.76 17.43
CA ASP A 45 13.93 -5.25 18.72
C ASP A 45 14.85 -4.16 19.26
N GLN A 46 16.11 -4.12 18.84
CA GLN A 46 16.98 -3.03 19.28
C GLN A 46 16.76 -1.75 18.47
N LEU A 47 16.31 -1.87 17.22
CA LEU A 47 16.06 -0.68 16.44
C LEU A 47 14.75 0.01 16.84
N ARG A 48 13.81 -0.74 17.42
CA ARG A 48 12.60 -0.11 17.96
C ARG A 48 12.90 0.88 19.07
N GLN A 49 14.12 0.84 19.62
CA GLN A 49 14.51 1.65 20.75
C GLN A 49 15.27 2.91 20.38
N LYS A 50 16.00 2.91 19.27
CA LYS A 50 16.71 4.12 18.85
C LYS A 50 15.64 5.13 18.41
N THR A 51 15.02 5.78 19.40
CA THR A 51 13.79 6.54 19.19
C THR A 51 14.00 8.03 18.92
N GLU A 52 15.23 8.50 18.79
CA GLU A 52 15.43 9.90 18.42
C GLU A 52 15.80 10.00 16.95
N VAL A 53 15.21 10.99 16.28
CA VAL A 53 15.19 11.06 14.84
C VAL A 53 15.70 12.44 14.42
N THR A 54 16.76 12.46 13.62
CA THR A 54 17.42 13.68 13.17
C THR A 54 16.89 14.08 11.79
N ALA A 55 16.89 15.38 11.52
CA ALA A 55 16.47 15.88 10.22
C ALA A 55 17.32 15.24 9.12
N PRO A 56 16.75 15.03 7.91
CA PRO A 56 15.36 15.40 7.55
C PRO A 56 14.31 14.40 8.03
N PHE A 57 14.73 13.30 8.65
CA PHE A 57 13.79 12.23 8.97
C PHE A 57 12.76 12.62 10.01
N ASN A 58 12.83 13.81 10.60
CA ASN A 58 11.80 14.28 11.51
C ASN A 58 11.03 15.48 10.97
N GLN A 59 11.20 15.81 9.69
CA GLN A 59 10.42 16.83 9.01
C GLN A 59 9.12 16.22 8.48
N ARG A 60 8.12 17.08 8.34
CA ARG A 60 6.82 16.67 7.86
C ARG A 60 6.14 17.85 7.17
N LEU A 61 5.32 17.54 6.18
CA LEU A 61 4.81 18.56 5.27
C LEU A 61 3.65 19.30 5.92
N SER A 62 3.70 20.64 5.86
CA SER A 62 2.59 21.46 6.30
C SER A 62 2.45 22.62 5.33
N TYR A 63 1.39 23.41 5.49
CA TYR A 63 1.15 24.54 4.60
C TYR A 63 0.87 25.79 5.42
N ARG A 64 1.55 26.89 5.08
CA ARG A 64 1.26 28.20 5.69
C ARG A 64 0.33 28.95 4.74
N LEU A 65 -0.95 28.99 5.12
CA LEU A 65 -2.04 29.49 4.28
C LEU A 65 -2.13 28.68 3.00
N GLY A 66 -1.14 28.80 2.12
CA GLY A 66 -1.18 28.07 0.87
C GLY A 66 0.12 27.42 0.45
N GLN A 67 1.25 27.93 0.94
CA GLN A 67 2.47 27.37 0.34
C GLN A 67 3.08 26.29 1.24
N PRO A 68 3.61 25.24 0.63
CA PRO A 68 4.07 24.08 1.41
C PRO A 68 5.35 24.36 2.17
N VAL A 69 5.42 23.84 3.40
CA VAL A 69 6.57 24.05 4.27
C VAL A 69 6.84 22.76 5.05
N TRP A 70 8.10 22.55 5.38
CA TRP A 70 8.49 21.53 6.33
C TRP A 70 8.28 22.05 7.74
N VAL A 71 7.85 21.18 8.65
CA VAL A 71 7.90 21.47 10.07
C VAL A 71 8.47 20.24 10.78
N GLU A 72 9.14 20.48 11.90
CA GLU A 72 9.60 19.37 12.70
C GLU A 72 8.39 18.59 13.21
N ASP A 73 8.44 17.26 13.08
CA ASP A 73 7.35 16.43 13.58
C ASP A 73 7.54 16.24 15.09
N GLU A 74 6.56 16.69 15.85
CA GLU A 74 6.57 16.52 17.29
C GLU A 74 6.42 15.04 17.64
N HIS A 75 5.23 14.49 17.35
CA HIS A 75 4.84 13.15 17.80
C HIS A 75 5.19 12.13 16.72
N LEU A 76 6.46 11.72 16.69
CA LEU A 76 6.87 10.71 15.73
C LEU A 76 6.54 9.31 16.25
N ASP A 77 5.85 8.51 15.42
CA ASP A 77 5.49 7.14 15.75
C ASP A 77 6.49 6.21 15.05
N LEU A 78 7.56 5.86 15.77
CA LEU A 78 8.59 5.03 15.18
C LEU A 78 8.08 3.63 14.81
N GLU A 79 6.96 3.17 15.36
CA GLU A 79 6.42 1.89 14.90
C GLU A 79 5.79 2.01 13.52
N HIS A 80 5.33 3.20 13.14
CA HIS A 80 4.82 3.38 11.78
C HIS A 80 5.98 3.41 10.77
N HIS A 81 7.04 4.18 11.04
CA HIS A 81 8.11 4.37 10.07
C HIS A 81 9.09 3.20 10.01
N PHE A 82 9.33 2.51 11.13
CA PHE A 82 10.23 1.36 11.15
C PHE A 82 9.41 0.08 11.25
N ARG A 83 9.52 -0.76 10.23
CA ARG A 83 8.79 -2.01 10.18
C ARG A 83 9.75 -3.18 10.11
N PHE A 84 9.31 -4.32 10.65
CA PHE A 84 10.06 -5.56 10.72
C PHE A 84 9.20 -6.64 10.07
N GLU A 85 9.70 -7.23 8.99
CA GLU A 85 8.89 -8.03 8.11
C GLU A 85 9.72 -9.21 7.63
N ALA A 86 9.06 -10.17 7.01
CA ALA A 86 9.70 -11.43 6.70
C ALA A 86 9.27 -11.91 5.33
N LEU A 87 10.21 -12.57 4.65
CA LEU A 87 10.04 -13.23 3.37
C LEU A 87 9.31 -14.56 3.55
N PRO A 88 8.38 -14.88 2.66
CA PRO A 88 7.78 -16.21 2.66
C PRO A 88 8.75 -17.24 2.08
N THR A 89 8.37 -18.51 2.22
CA THR A 89 9.16 -19.64 1.71
C THR A 89 9.27 -19.54 0.19
N PRO A 90 10.45 -19.84 -0.40
CA PRO A 90 11.70 -20.32 0.22
C PRO A 90 12.73 -19.25 0.59
N GLY A 91 12.32 -17.99 0.60
CA GLY A 91 13.21 -16.96 1.07
C GLY A 91 14.31 -16.59 0.10
N ARG A 92 14.07 -16.78 -1.20
CA ARG A 92 15.07 -16.49 -2.21
C ARG A 92 15.17 -14.99 -2.48
N ILE A 93 16.11 -14.62 -3.35
CA ILE A 93 16.13 -13.23 -3.81
C ILE A 93 14.87 -12.91 -4.61
N ARG A 94 14.28 -13.90 -5.29
CA ARG A 94 13.03 -13.70 -6.01
C ARG A 94 11.92 -13.21 -5.07
N GLU A 95 11.76 -13.87 -3.91
CA GLU A 95 10.81 -13.38 -2.91
C GLU A 95 11.18 -11.97 -2.48
N LEU A 96 12.49 -11.71 -2.33
CA LEU A 96 12.93 -10.39 -1.89
C LEU A 96 12.59 -9.32 -2.93
N LEU A 97 12.67 -9.66 -4.22
CA LEU A 97 12.36 -8.67 -5.24
C LEU A 97 10.86 -8.47 -5.36
N SER A 98 10.06 -9.49 -5.03
CA SER A 98 8.61 -9.33 -5.02
C SER A 98 8.16 -8.47 -3.85
N PHE A 99 8.81 -8.64 -2.70
CA PHE A 99 8.51 -7.81 -1.54
C PHE A 99 8.75 -6.33 -1.86
N VAL A 100 9.92 -6.01 -2.42
CA VAL A 100 10.22 -4.63 -2.79
C VAL A 100 9.23 -4.13 -3.84
N SER A 101 8.86 -4.98 -4.82
CA SER A 101 7.95 -4.54 -5.87
C SER A 101 6.62 -4.10 -5.28
N ALA A 102 6.10 -4.86 -4.31
CA ALA A 102 4.83 -4.52 -3.65
C ALA A 102 4.95 -3.26 -2.80
N GLU A 103 5.93 -3.20 -1.89
CA GLU A 103 6.09 -2.01 -1.03
C GLU A 103 6.27 -0.76 -1.87
N HIS A 104 7.09 -0.83 -2.91
CA HIS A 104 7.40 0.34 -3.71
C HIS A 104 6.20 0.91 -4.45
N SER A 105 5.10 0.14 -4.57
CA SER A 105 3.90 0.61 -5.25
C SER A 105 3.00 1.48 -4.36
N HIS A 106 3.20 1.46 -3.03
CA HIS A 106 2.26 2.09 -2.11
C HIS A 106 2.63 3.55 -1.89
N LEU A 107 1.68 4.45 -2.15
CA LEU A 107 1.88 5.86 -1.83
C LEU A 107 2.26 6.05 -0.37
N MET A 108 3.07 7.06 -0.11
CA MET A 108 3.43 7.41 1.24
C MET A 108 2.41 8.38 1.83
N ASP A 109 2.32 8.42 3.16
CA ASP A 109 1.34 9.27 3.84
C ASP A 109 1.97 10.64 4.04
N ARG A 110 1.32 11.68 3.54
CA ARG A 110 1.89 13.02 3.70
C ARG A 110 1.73 13.59 5.10
N GLU A 111 0.87 13.00 5.93
CA GLU A 111 0.64 13.44 7.29
C GLU A 111 1.78 13.09 8.23
N ARG A 112 2.76 12.32 7.78
CA ARG A 112 3.91 11.94 8.60
C ARG A 112 5.16 12.15 7.77
N PRO A 113 6.33 12.28 8.43
CA PRO A 113 7.60 12.29 7.68
C PRO A 113 7.61 11.17 6.66
N MET A 114 7.83 11.50 5.39
CA MET A 114 7.66 10.53 4.30
C MET A 114 8.94 9.70 4.14
N TRP A 115 9.18 8.86 5.13
CA TRP A 115 10.25 7.88 5.04
C TRP A 115 9.79 6.60 5.72
N GLU A 116 10.45 5.49 5.36
CA GLU A 116 10.15 4.18 5.88
C GLU A 116 11.40 3.31 5.76
N VAL A 117 11.67 2.51 6.80
CA VAL A 117 12.72 1.49 6.74
C VAL A 117 12.09 0.14 7.03
N HIS A 118 12.33 -0.83 6.15
CA HIS A 118 11.75 -2.16 6.33
C HIS A 118 12.90 -3.15 6.53
N LEU A 119 13.09 -3.62 7.76
CA LEU A 119 14.03 -4.69 8.04
C LEU A 119 13.36 -6.01 7.66
N ILE A 120 14.04 -6.80 6.84
CA ILE A 120 13.47 -8.02 6.28
C ILE A 120 14.28 -9.22 6.77
N GLU A 121 13.62 -10.13 7.48
CA GLU A 121 14.22 -11.41 7.85
C GLU A 121 13.68 -12.49 6.91
N GLY A 122 14.09 -13.74 7.19
CA GLY A 122 13.70 -14.86 6.37
C GLY A 122 14.50 -15.06 5.10
N LEU A 123 15.60 -14.33 4.90
CA LEU A 123 16.50 -14.64 3.79
C LEU A 123 17.16 -16.00 4.04
N LYS A 124 17.54 -16.65 2.93
CA LYS A 124 17.84 -18.09 2.98
C LYS A 124 19.10 -18.39 3.80
N ASP A 125 20.22 -17.69 3.56
CA ASP A 125 21.53 -18.15 4.02
C ASP A 125 22.23 -17.09 4.88
N ARG A 126 21.64 -16.76 6.03
CA ARG A 126 22.25 -15.90 7.04
C ARG A 126 22.46 -14.48 6.51
N GLN A 127 21.41 -13.93 5.92
CA GLN A 127 21.42 -12.54 5.48
C GLN A 127 20.12 -11.90 5.89
N PHE A 128 20.16 -10.59 6.08
CA PHE A 128 18.94 -9.79 6.17
C PHE A 128 18.96 -8.74 5.05
N ALA A 129 17.89 -7.96 4.96
CA ALA A 129 17.83 -6.89 3.97
C ALA A 129 17.22 -5.65 4.59
N LEU A 130 17.57 -4.51 4.02
CA LEU A 130 17.02 -3.22 4.43
C LEU A 130 16.37 -2.59 3.20
N TYR A 131 15.05 -2.45 3.21
CA TYR A 131 14.38 -1.70 2.14
C TYR A 131 13.95 -0.37 2.71
N THR A 132 14.62 0.68 2.27
CA THR A 132 14.34 2.05 2.69
C THR A 132 13.60 2.76 1.58
N LYS A 133 12.61 3.55 1.96
CA LYS A 133 11.77 4.29 1.03
C LYS A 133 11.65 5.68 1.58
N VAL A 134 12.01 6.69 0.77
CA VAL A 134 11.90 8.09 1.18
C VAL A 134 11.36 8.91 0.01
N HIS A 135 10.49 9.86 0.31
CA HIS A 135 9.88 10.66 -0.74
C HIS A 135 10.88 11.65 -1.32
N HIS A 136 10.88 11.76 -2.66
CA HIS A 136 11.89 12.56 -3.36
C HIS A 136 11.87 14.01 -2.90
N SER A 137 10.69 14.58 -2.64
CA SER A 137 10.62 15.96 -2.20
C SER A 137 11.30 16.17 -0.83
N LEU A 138 11.50 15.11 -0.06
CA LEU A 138 12.20 15.21 1.21
C LEU A 138 13.68 14.91 1.08
N VAL A 139 14.03 13.89 0.29
CA VAL A 139 15.40 13.47 0.03
C VAL A 139 15.48 12.91 -1.39
N ASP A 140 16.26 13.55 -2.25
CA ASP A 140 16.38 13.08 -3.63
C ASP A 140 17.22 11.80 -3.69
N GLY A 141 17.37 11.28 -4.91
CA GLY A 141 17.92 9.94 -5.07
C GLY A 141 19.39 9.84 -4.73
N VAL A 142 20.17 10.86 -5.08
CA VAL A 142 21.61 10.82 -4.82
C VAL A 142 21.88 11.01 -3.33
N SER A 143 21.10 11.87 -2.66
CA SER A 143 21.26 12.04 -1.21
C SER A 143 20.84 10.77 -0.47
N ALA A 144 19.73 10.15 -0.90
CA ALA A 144 19.30 8.89 -0.27
C ALA A 144 20.40 7.86 -0.33
N MET A 145 20.98 7.65 -1.52
CA MET A 145 22.01 6.63 -1.64
C MET A 145 23.26 7.03 -0.85
N ARG A 146 23.69 8.29 -0.96
CA ARG A 146 24.80 8.79 -0.15
C ARG A 146 24.55 8.57 1.33
N MET A 147 23.39 9.03 1.82
CA MET A 147 23.02 8.79 3.22
C MET A 147 23.03 7.29 3.54
N ALA A 148 22.59 6.47 2.59
CA ALA A 148 22.47 5.04 2.88
C ALA A 148 23.82 4.38 3.04
N THR A 149 24.86 4.94 2.42
CA THR A 149 26.19 4.37 2.53
C THR A 149 26.99 5.03 3.65
N ARG A 150 26.79 6.34 3.80
CA ARG A 150 27.32 7.09 4.92
C ARG A 150 26.90 6.51 6.27
N MET A 151 25.76 5.82 6.31
CA MET A 151 25.35 5.07 7.49
C MET A 151 26.28 3.91 7.80
N LEU A 152 27.07 3.46 6.83
CA LEU A 152 27.97 2.34 7.03
C LEU A 152 29.41 2.81 7.26
N SER A 153 30.27 1.85 7.56
CA SER A 153 31.67 2.11 7.86
C SER A 153 32.52 1.00 7.26
N GLU A 154 33.78 1.32 6.93
CA GLU A 154 34.73 0.33 6.43
C GLU A 154 35.25 -0.60 7.53
N ASN A 155 35.10 -0.21 8.80
CA ASN A 155 35.59 -0.99 9.93
C ASN A 155 34.59 -2.06 10.32
N PRO A 156 34.87 -3.35 10.08
CA PRO A 156 33.92 -4.39 10.51
C PRO A 156 33.79 -4.49 12.02
N ASP A 157 34.72 -3.91 12.79
CA ASP A 157 34.65 -3.92 14.25
C ASP A 157 33.94 -2.70 14.82
N GLU A 158 33.54 -1.73 14.00
CA GLU A 158 32.75 -0.62 14.52
C GLU A 158 31.36 -1.13 14.90
N HIS A 159 30.87 -0.69 16.06
CA HIS A 159 29.54 -1.06 16.54
C HIS A 159 28.89 0.18 17.14
N GLY A 160 27.68 0.01 17.68
CA GLY A 160 26.90 1.16 18.12
C GLY A 160 26.67 2.15 16.98
N MET A 161 26.54 1.63 15.75
CA MET A 161 26.30 2.52 14.62
C MET A 161 24.81 2.75 14.44
N PRO A 162 24.39 4.00 14.35
CA PRO A 162 22.95 4.31 14.36
C PRO A 162 22.28 3.86 13.07
N PRO A 163 20.94 3.85 13.04
CA PRO A 163 20.21 3.64 11.78
C PRO A 163 20.07 4.94 11.01
N ILE A 164 19.59 4.82 9.77
CA ILE A 164 19.62 5.96 8.85
C ILE A 164 18.87 7.16 9.39
N TRP A 165 17.88 6.96 10.26
CA TRP A 165 17.01 8.05 10.68
C TRP A 165 17.61 8.87 11.82
N ASP A 166 18.87 8.62 12.21
CA ASP A 166 19.43 9.12 13.48
C ASP A 166 20.96 9.24 13.37
N LEU A 167 21.42 10.28 12.71
CA LEU A 167 22.85 10.49 12.51
C LEU A 167 23.10 11.99 12.31
N PRO A 168 24.35 12.45 12.58
CA PRO A 168 24.71 13.88 12.44
C PRO A 168 24.49 14.45 11.04
N THR A 199 -2.31 23.97 -11.76
CA THR A 199 -3.09 23.00 -12.51
C THR A 199 -2.32 22.54 -13.76
N ILE A 200 -2.72 21.43 -14.39
CA ILE A 200 -1.93 20.83 -15.47
C ILE A 200 -2.08 21.63 -16.77
N PRO A 201 -3.31 21.96 -17.23
CA PRO A 201 -3.42 22.87 -18.38
C PRO A 201 -2.61 24.15 -18.25
N THR A 202 -2.67 24.82 -17.10
CA THR A 202 -1.92 26.06 -16.93
C THR A 202 -0.42 25.82 -17.08
N VAL A 203 0.09 24.83 -16.35
CA VAL A 203 1.53 24.54 -16.40
C VAL A 203 1.93 24.10 -17.81
N ALA A 204 1.10 23.29 -18.47
CA ALA A 204 1.47 22.81 -19.80
C ALA A 204 1.50 23.96 -20.79
N LYS A 205 0.59 24.93 -20.64
CA LYS A 205 0.58 26.06 -21.56
C LYS A 205 1.77 26.97 -21.34
N GLU A 206 2.22 27.11 -20.09
CA GLU A 206 3.47 27.83 -19.81
C GLU A 206 4.68 27.10 -20.39
N LEU A 207 4.65 25.76 -20.39
CA LEU A 207 5.70 25.01 -21.08
C LEU A 207 5.75 25.36 -22.57
N LEU A 208 4.58 25.42 -23.22
CA LEU A 208 4.53 25.74 -24.64
C LEU A 208 5.13 27.10 -24.92
N LYS A 209 4.72 28.11 -24.14
CA LYS A 209 5.26 29.45 -24.30
C LYS A 209 6.77 29.45 -24.13
N THR A 210 7.29 28.69 -23.17
CA THR A 210 8.74 28.64 -23.04
C THR A 210 9.38 27.96 -24.24
N ILE A 211 8.68 27.02 -24.86
CA ILE A 211 9.25 26.33 -26.02
C ILE A 211 9.26 27.27 -27.22
N ASN A 212 8.21 28.09 -27.39
CA ASN A 212 8.09 28.94 -28.57
C ASN A 212 9.05 30.12 -28.53
N GLN A 213 9.40 30.60 -27.33
CA GLN A 213 10.39 31.65 -27.18
C GLN A 213 11.81 31.10 -27.04
N ALA A 214 12.00 29.82 -27.33
CA ALA A 214 13.31 29.17 -27.24
C ALA A 214 13.62 28.39 -28.51
N ARG A 215 12.57 27.88 -29.19
CA ARG A 215 12.74 27.18 -30.46
C ARG A 215 13.47 28.04 -31.49
N LYS A 216 13.44 29.36 -31.33
CA LYS A 216 14.25 30.27 -32.14
C LYS A 216 15.73 29.99 -31.89
N ASP A 217 16.20 28.85 -32.38
CA ASP A 217 17.55 28.31 -32.13
C ASP A 217 18.33 28.26 -33.43
N PRO A 218 19.27 29.19 -33.67
CA PRO A 218 20.04 29.19 -34.92
C PRO A 218 21.26 28.26 -34.86
N ALA A 226 13.41 9.73 -31.04
CA ALA A 226 12.86 8.72 -30.14
C ALA A 226 11.59 8.11 -30.72
N PRO A 227 11.61 6.80 -30.91
CA PRO A 227 10.45 6.16 -31.53
C PRO A 227 9.30 5.96 -30.54
N ARG A 228 8.10 5.86 -31.12
CA ARG A 228 6.99 5.24 -30.42
C ARG A 228 7.43 3.87 -29.91
N CYS A 229 7.02 3.53 -28.69
CA CYS A 229 7.59 2.37 -27.99
C CYS A 229 6.70 1.99 -26.82
N MET A 230 6.65 0.69 -26.54
CA MET A 230 5.79 0.18 -25.48
C MET A 230 6.20 0.70 -24.11
N LEU A 231 7.48 1.02 -23.91
CA LEU A 231 7.90 1.70 -22.69
C LEU A 231 7.12 2.99 -22.45
N ASN A 232 6.57 3.60 -23.50
CA ASN A 232 6.14 4.97 -23.33
C ASN A 232 4.62 5.10 -23.45
N GLN A 233 3.89 4.38 -22.62
CA GLN A 233 2.46 4.57 -22.50
C GLN A 233 2.15 4.97 -21.07
N LYS A 234 0.89 5.34 -20.85
CA LYS A 234 0.36 5.53 -19.51
C LYS A 234 0.52 4.25 -18.68
N ILE A 235 0.81 4.41 -17.39
CA ILE A 235 1.16 3.28 -16.52
C ILE A 235 0.11 3.14 -15.41
N THR A 236 0.27 2.06 -14.67
CA THR A 236 -0.42 1.82 -13.41
C THR A 236 0.54 2.10 -12.26
N GLY A 237 -0.01 2.14 -11.06
CA GLY A 237 0.83 2.32 -9.88
C GLY A 237 1.48 1.06 -9.35
N SER A 238 1.09 -0.10 -9.87
CA SER A 238 1.73 -1.34 -9.48
C SER A 238 3.08 -1.44 -10.15
N ARG A 239 4.06 -1.99 -9.41
CA ARG A 239 5.47 -1.96 -9.77
C ARG A 239 6.05 -3.36 -9.84
N ARG A 240 7.10 -3.50 -10.67
CA ARG A 240 7.93 -4.70 -10.61
C ARG A 240 9.38 -4.25 -10.53
N PHE A 241 10.10 -4.74 -9.53
CA PHE A 241 11.51 -4.42 -9.30
C PHE A 241 12.40 -5.62 -9.57
N ALA A 242 13.46 -5.43 -10.37
CA ALA A 242 14.43 -6.46 -10.67
C ALA A 242 15.82 -5.91 -10.43
N ALA A 243 16.63 -6.64 -9.68
CA ALA A 243 17.99 -6.21 -9.36
C ALA A 243 18.94 -7.39 -9.45
N GLN A 244 20.21 -7.06 -9.67
CA GLN A 244 21.28 -8.02 -9.91
C GLN A 244 22.60 -7.27 -9.91
N SER A 245 23.67 -7.98 -9.53
CA SER A 245 25.05 -7.48 -9.55
C SER A 245 25.87 -8.19 -10.62
N TRP A 246 26.86 -7.48 -11.13
CA TRP A 246 27.85 -8.08 -12.01
C TRP A 246 29.23 -7.62 -11.59
N CYS A 247 30.21 -8.50 -11.73
CA CYS A 247 31.57 -8.20 -11.32
C CYS A 247 32.21 -7.23 -12.29
N LEU A 248 32.85 -6.20 -11.74
CA LEU A 248 33.60 -5.25 -12.55
C LEU A 248 34.83 -5.86 -13.22
N LYS A 249 35.39 -6.99 -12.72
CA LYS A 249 36.51 -7.59 -13.45
C LYS A 249 36.02 -8.22 -14.74
N ARG A 250 34.85 -8.84 -14.69
CA ARG A 250 34.26 -9.38 -15.91
C ARG A 250 34.01 -8.27 -16.93
N ILE A 251 33.53 -7.12 -16.47
CA ILE A 251 33.20 -6.03 -17.39
C ILE A 251 34.48 -5.37 -17.90
N ARG A 252 35.51 -5.29 -17.06
CA ARG A 252 36.77 -4.67 -17.47
C ARG A 252 37.47 -5.49 -18.55
N ALA A 253 37.47 -6.83 -18.43
CA ALA A 253 37.97 -7.69 -19.49
C ALA A 253 37.32 -7.35 -20.83
N VAL A 254 35.99 -7.19 -20.83
CA VAL A 254 35.30 -6.83 -22.06
C VAL A 254 35.75 -5.44 -22.53
N CYS A 255 35.95 -4.50 -21.60
CA CYS A 255 36.45 -3.17 -21.96
C CYS A 255 37.74 -3.26 -22.76
N GLU A 256 38.75 -3.92 -22.20
CA GLU A 256 40.06 -3.96 -22.86
C GLU A 256 39.96 -4.61 -24.23
N ALA A 257 39.16 -5.69 -24.35
CA ALA A 257 39.04 -6.39 -25.62
C ALA A 257 38.53 -5.47 -26.72
N TYR A 258 37.57 -4.59 -26.41
CA TYR A 258 36.99 -3.74 -27.44
C TYR A 258 37.50 -2.31 -27.40
N GLY A 259 38.31 -1.94 -26.42
CA GLY A 259 38.77 -0.57 -26.33
C GLY A 259 37.67 0.41 -25.98
N THR A 260 36.67 -0.01 -25.21
CA THR A 260 35.59 0.84 -24.73
C THR A 260 35.74 1.04 -23.22
N THR A 261 35.03 2.03 -22.68
CA THR A 261 35.02 2.28 -21.24
C THR A 261 34.02 1.37 -20.51
N VAL A 262 34.07 1.43 -19.16
CA VAL A 262 33.10 0.68 -18.35
C VAL A 262 31.69 1.18 -18.59
N ASN A 263 31.52 2.50 -18.63
CA ASN A 263 30.20 3.05 -18.87
C ASN A 263 29.64 2.65 -20.24
N ASP A 264 30.51 2.47 -21.25
CA ASP A 264 30.01 2.04 -22.55
C ASP A 264 29.42 0.62 -22.45
N VAL A 265 30.15 -0.29 -21.81
CA VAL A 265 29.73 -1.69 -21.77
C VAL A 265 28.49 -1.86 -20.92
N VAL A 266 28.46 -1.22 -19.76
CA VAL A 266 27.26 -1.16 -18.93
C VAL A 266 26.06 -0.64 -19.75
N THR A 267 26.29 0.38 -20.58
CA THR A 267 25.22 0.85 -21.48
C THR A 267 24.84 -0.21 -22.50
N ALA A 268 25.84 -0.87 -23.08
CA ALA A 268 25.58 -1.89 -24.08
C ALA A 268 24.78 -3.05 -23.49
N MET A 269 25.04 -3.39 -22.22
CA MET A 269 24.19 -4.35 -21.53
C MET A 269 22.75 -3.87 -21.51
N CYS A 270 22.52 -2.61 -21.11
CA CYS A 270 21.17 -2.07 -21.14
C CYS A 270 20.60 -2.13 -22.54
N ALA A 271 21.35 -1.64 -23.54
CA ALA A 271 20.85 -1.68 -24.91
C ALA A 271 20.50 -3.10 -25.33
N ALA A 272 21.43 -4.04 -25.10
CA ALA A 272 21.20 -5.44 -25.44
C ALA A 272 19.99 -6.00 -24.70
N ALA A 273 19.86 -5.65 -23.40
CA ALA A 273 18.74 -6.17 -22.61
C ALA A 273 17.41 -5.67 -23.14
N LEU A 274 17.31 -4.35 -23.39
CA LEU A 274 16.07 -3.77 -23.89
C LEU A 274 15.70 -4.35 -25.26
N ARG A 275 16.70 -4.59 -26.10
CA ARG A 275 16.46 -5.11 -27.45
C ARG A 275 15.84 -6.50 -27.38
N THR A 276 16.45 -7.41 -26.61
CA THR A 276 15.87 -8.74 -26.39
C THR A 276 14.45 -8.65 -25.82
N TYR A 277 14.27 -7.85 -24.77
CA TYR A 277 12.95 -7.78 -24.13
C TYR A 277 11.90 -7.34 -25.13
N LEU A 278 12.18 -6.27 -25.87
CA LEU A 278 11.19 -5.78 -26.81
C LEU A 278 10.95 -6.78 -27.92
N MET A 279 12.00 -7.47 -28.37
CA MET A 279 11.83 -8.43 -29.45
C MET A 279 10.96 -9.59 -29.01
N ASN A 280 11.22 -10.13 -27.82
CA ASN A 280 10.37 -11.19 -27.30
C ASN A 280 8.92 -10.73 -27.17
N GLN A 281 8.70 -9.44 -26.92
CA GLN A 281 7.33 -8.92 -26.88
C GLN A 281 6.78 -8.58 -28.25
N ASP A 282 7.57 -8.80 -29.31
CA ASP A 282 7.19 -8.46 -30.68
C ASP A 282 6.91 -6.95 -30.83
N ALA A 283 7.72 -6.14 -30.14
CA ALA A 283 7.47 -4.71 -30.04
C ALA A 283 8.78 -3.93 -30.10
N LEU A 284 9.74 -4.40 -30.87
CA LEU A 284 10.95 -3.61 -31.12
C LEU A 284 10.71 -2.67 -32.29
N PRO A 285 10.70 -1.35 -32.09
CA PRO A 285 10.45 -0.44 -33.21
C PRO A 285 11.57 -0.48 -34.21
N GLU A 286 11.29 0.11 -35.38
CA GLU A 286 12.29 0.24 -36.43
C GLU A 286 13.49 1.05 -35.96
N LYS A 287 13.26 2.30 -35.55
CA LYS A 287 14.36 3.19 -35.16
C LYS A 287 14.94 2.76 -33.80
N PRO A 288 16.19 3.13 -33.51
CA PRO A 288 16.80 2.75 -32.23
C PRO A 288 16.25 3.53 -31.05
N LEU A 289 16.14 2.84 -29.89
CA LEU A 289 15.75 3.52 -28.65
C LEU A 289 16.75 4.61 -28.33
N VAL A 290 16.27 5.65 -27.66
CA VAL A 290 17.16 6.69 -27.16
C VAL A 290 17.06 6.68 -25.65
N ALA A 291 18.21 6.66 -24.99
CA ALA A 291 18.29 6.71 -23.53
C ALA A 291 18.61 8.13 -23.08
N PHE A 292 17.88 8.58 -22.08
CA PHE A 292 18.23 9.79 -21.34
C PHE A 292 19.30 9.39 -20.35
N VAL A 293 20.44 10.07 -20.39
CA VAL A 293 21.58 9.62 -19.60
C VAL A 293 22.23 10.81 -18.92
N PRO A 294 22.15 10.93 -17.60
CA PRO A 294 22.77 12.08 -16.93
C PRO A 294 24.29 11.93 -16.83
N VAL A 295 24.98 13.06 -17.01
CA VAL A 295 26.44 13.06 -17.00
C VAL A 295 26.96 13.98 -15.90
N GLY A 309 24.89 17.61 -16.39
CA GLY A 309 24.46 17.61 -17.78
C GLY A 309 23.67 16.37 -18.16
N VAL A 310 23.16 16.34 -19.39
CA VAL A 310 22.23 15.31 -19.86
C VAL A 310 22.51 15.03 -21.32
N ILE A 311 22.81 13.77 -21.64
CA ILE A 311 22.99 13.39 -23.04
C ILE A 311 21.94 12.39 -23.46
N LEU A 312 21.44 12.57 -24.67
CA LEU A 312 20.50 11.65 -25.30
C LEU A 312 21.29 10.71 -26.20
N ALA A 313 21.46 9.48 -25.74
CA ALA A 313 22.32 8.51 -26.40
C ALA A 313 21.49 7.47 -27.12
N SER A 314 21.77 7.28 -28.39
CA SER A 314 21.16 6.19 -29.12
C SER A 314 21.65 4.88 -28.54
N LEU A 315 20.74 3.94 -28.35
CA LEU A 315 21.10 2.63 -27.83
C LEU A 315 21.28 1.61 -28.93
N HIS A 316 21.02 2.03 -30.18
CA HIS A 316 21.32 1.23 -31.38
C HIS A 316 20.67 -0.14 -31.31
N THR A 317 19.44 -0.17 -30.79
CA THR A 317 18.68 -1.41 -30.66
C THR A 317 18.25 -2.02 -32.01
N ASP A 318 18.47 -1.33 -33.14
CA ASP A 318 18.26 -1.93 -34.46
C ASP A 318 19.48 -2.70 -34.96
N VAL A 319 20.66 -2.40 -34.41
CA VAL A 319 21.89 -3.12 -34.74
C VAL A 319 21.77 -4.55 -34.24
N GLN A 320 22.32 -5.49 -35.01
CA GLN A 320 22.11 -6.92 -34.75
C GLN A 320 23.24 -7.57 -33.96
N GLU A 321 24.46 -7.05 -34.04
CA GLU A 321 25.64 -7.71 -33.49
C GLU A 321 26.09 -7.01 -32.22
N ALA A 322 26.58 -7.80 -31.26
CA ALA A 322 26.93 -7.24 -29.95
C ALA A 322 28.07 -6.22 -30.06
N GLY A 323 29.14 -6.56 -30.79
CA GLY A 323 30.26 -5.62 -30.91
C GLY A 323 29.92 -4.39 -31.74
N GLU A 324 29.18 -4.59 -32.83
CA GLU A 324 28.69 -3.43 -33.56
C GLU A 324 27.91 -2.50 -32.63
N ARG A 325 26.97 -3.07 -31.86
CA ARG A 325 26.16 -2.24 -30.96
C ARG A 325 27.02 -1.58 -29.89
N LEU A 326 27.96 -2.34 -29.29
CA LEU A 326 28.86 -1.76 -28.31
C LEU A 326 29.62 -0.57 -28.88
N LEU A 327 30.15 -0.69 -30.10
CA LEU A 327 31.04 0.35 -30.61
C LEU A 327 30.26 1.59 -31.07
N LYS A 328 29.15 1.40 -31.78
CA LYS A 328 28.33 2.54 -32.15
C LYS A 328 27.80 3.28 -30.92
N ILE A 329 27.51 2.56 -29.83
CA ILE A 329 27.17 3.22 -28.57
C ILE A 329 28.36 4.02 -28.05
N HIS A 330 29.56 3.45 -28.12
CA HIS A 330 30.73 4.16 -27.62
C HIS A 330 31.00 5.43 -28.43
N HIS A 331 31.03 5.31 -29.77
CA HIS A 331 31.25 6.52 -30.57
C HIS A 331 30.09 7.50 -30.41
N GLY A 332 28.86 6.99 -30.26
CA GLY A 332 27.73 7.88 -30.10
C GLY A 332 27.85 8.76 -28.87
N MET A 333 28.23 8.16 -27.74
CA MET A 333 28.31 8.91 -26.50
C MET A 333 29.53 9.81 -26.45
N GLU A 334 30.64 9.38 -27.06
CA GLU A 334 31.78 10.23 -27.34
C GLU A 334 31.35 11.50 -28.06
N GLU A 335 30.99 11.38 -29.35
CA GLU A 335 30.45 12.49 -30.14
C GLU A 335 29.47 13.33 -29.34
N ALA A 336 28.58 12.66 -28.61
CA ALA A 336 27.46 13.36 -27.98
C ALA A 336 27.91 14.28 -26.87
N LYS A 337 28.93 13.87 -26.11
CA LYS A 337 29.44 14.74 -25.08
C LYS A 337 30.57 15.62 -25.58
N GLN A 338 31.18 15.27 -26.72
CA GLN A 338 32.13 16.17 -27.36
C GLN A 338 31.47 17.48 -27.84
N ARG A 339 30.15 17.50 -28.00
CA ARG A 339 29.47 18.75 -28.30
C ARG A 339 29.40 19.64 -27.07
N TYR A 340 29.33 19.03 -25.90
CA TYR A 340 29.27 19.77 -24.65
C TYR A 340 30.57 20.51 -24.37
N VAL A 349 23.32 24.35 -18.27
CA VAL A 349 22.10 24.43 -17.49
C VAL A 349 21.06 25.26 -18.24
N ASN A 350 21.39 25.68 -19.45
CA ASN A 350 20.47 26.45 -20.28
C ASN A 350 20.17 25.81 -21.62
N TYR A 351 21.19 25.34 -22.34
CA TYR A 351 20.92 24.45 -23.47
C TYR A 351 20.17 23.21 -23.01
N THR A 352 20.58 22.63 -21.88
CA THR A 352 20.02 21.35 -21.44
C THR A 352 18.58 21.49 -20.98
N ALA A 353 18.32 22.43 -20.06
CA ALA A 353 16.97 22.68 -19.55
C ALA A 353 16.03 23.33 -20.58
N LEU A 354 16.49 23.66 -21.79
CA LEU A 354 15.60 24.11 -22.83
C LEU A 354 15.36 23.05 -23.91
N THR A 355 16.36 22.22 -24.19
CA THR A 355 16.18 21.11 -25.13
C THR A 355 15.28 20.00 -24.56
N LEU A 356 14.95 20.02 -23.26
CA LEU A 356 14.08 19.05 -22.60
C LEU A 356 12.68 19.56 -22.30
N ALA A 357 12.38 20.84 -22.52
CA ALA A 357 11.02 21.31 -22.31
C ALA A 357 10.00 20.61 -23.20
N PRO A 358 10.28 20.29 -24.48
CA PRO A 358 9.31 19.51 -25.25
C PRO A 358 9.03 18.13 -24.66
N ALA A 359 10.08 17.46 -24.15
CA ALA A 359 9.88 16.17 -23.51
C ALA A 359 9.02 16.31 -22.27
N ALA A 360 9.28 17.35 -21.46
CA ALA A 360 8.44 17.60 -20.30
C ALA A 360 6.98 17.83 -20.71
N PHE A 361 6.77 18.44 -21.88
CA PHE A 361 5.39 18.68 -22.30
C PHE A 361 4.67 17.38 -22.59
N HIS A 362 5.33 16.47 -23.30
CA HIS A 362 4.66 15.22 -23.65
C HIS A 362 4.42 14.38 -22.40
N LEU A 363 5.45 14.23 -21.56
CA LEU A 363 5.32 13.49 -20.31
C LEU A 363 4.11 13.99 -19.52
N LEU A 364 3.96 15.31 -19.44
CA LEU A 364 2.92 15.90 -18.61
C LEU A 364 1.54 15.70 -19.21
N THR A 365 1.42 15.75 -20.55
CA THR A 365 0.12 15.85 -21.19
C THR A 365 -0.19 14.72 -22.15
N GLY A 366 0.81 13.94 -22.58
CA GLY A 366 0.60 12.95 -23.60
C GLY A 366 0.18 13.53 -24.94
N LEU A 367 0.20 14.85 -25.08
CA LEU A 367 -0.30 15.51 -26.29
C LEU A 367 0.80 15.82 -27.30
N ALA A 368 1.93 15.09 -27.25
CA ALA A 368 3.03 15.44 -28.13
C ALA A 368 3.96 14.24 -28.40
N PRO A 369 3.48 13.17 -29.01
CA PRO A 369 4.29 11.94 -29.06
C PRO A 369 5.57 12.07 -29.85
N LYS A 370 5.65 12.98 -30.82
CA LYS A 370 6.94 13.12 -31.47
C LYS A 370 7.93 13.88 -30.59
N TRP A 371 7.47 14.43 -29.47
CA TRP A 371 8.37 15.10 -28.53
C TRP A 371 8.86 14.17 -27.43
N GLN A 372 8.52 12.87 -27.51
CA GLN A 372 8.92 11.93 -26.45
C GLN A 372 10.41 12.08 -26.12
N THR A 373 11.25 12.22 -27.15
CA THR A 373 12.68 12.57 -27.02
C THR A 373 13.55 11.47 -26.43
N PHE A 374 13.01 10.66 -25.51
CA PHE A 374 13.78 9.53 -25.02
C PHE A 374 12.82 8.48 -24.50
N ASN A 375 13.19 7.23 -24.67
CA ASN A 375 12.35 6.11 -24.31
C ASN A 375 12.60 5.59 -22.89
N VAL A 376 13.76 5.84 -22.32
CA VAL A 376 14.09 5.25 -21.03
C VAL A 376 15.18 6.10 -20.41
N VAL A 377 15.18 6.18 -19.08
CA VAL A 377 16.22 6.86 -18.31
C VAL A 377 17.22 5.81 -17.86
N ILE A 378 18.51 6.08 -18.04
CA ILE A 378 19.59 5.21 -17.56
C ILE A 378 20.52 6.12 -16.75
N SER A 379 20.35 6.11 -15.44
CA SER A 379 21.16 6.94 -14.57
C SER A 379 22.23 6.06 -13.93
N ASN A 380 23.40 6.65 -13.74
CA ASN A 380 24.60 5.91 -13.33
C ASN A 380 25.33 6.73 -12.26
N VAL A 381 24.94 6.54 -11.01
CA VAL A 381 25.58 7.22 -9.89
C VAL A 381 26.67 6.31 -9.32
N PRO A 382 27.90 6.80 -9.16
CA PRO A 382 28.96 5.96 -8.58
C PRO A 382 28.79 5.79 -7.07
N GLY A 383 29.37 4.70 -6.56
CA GLY A 383 29.27 4.35 -5.15
C GLY A 383 30.55 3.77 -4.56
N PRO A 384 30.48 3.33 -3.30
CA PRO A 384 31.70 3.12 -2.50
C PRO A 384 32.70 2.14 -3.11
N SER A 385 33.99 2.45 -2.88
CA SER A 385 35.09 1.65 -3.41
C SER A 385 35.46 0.45 -2.55
N ARG A 386 35.29 0.53 -1.24
CA ARG A 386 35.75 -0.52 -0.34
C ARG A 386 34.58 -1.17 0.39
N PRO A 387 34.73 -2.43 0.82
CA PRO A 387 33.62 -3.12 1.49
C PRO A 387 33.15 -2.37 2.72
N LEU A 388 31.83 -2.33 2.91
CA LEU A 388 31.22 -1.56 3.97
C LEU A 388 30.54 -2.50 4.97
N TYR A 389 30.24 -1.95 6.15
CA TYR A 389 29.75 -2.72 7.26
C TYR A 389 28.75 -1.89 8.06
N TRP A 390 27.78 -2.59 8.66
CA TRP A 390 26.84 -1.99 9.63
C TRP A 390 26.85 -2.85 10.88
N ASN A 391 27.31 -2.29 11.99
CA ASN A 391 27.46 -3.00 13.26
C ASN A 391 27.86 -4.45 13.03
N GLY A 392 28.91 -4.61 12.19
CA GLY A 392 29.49 -5.90 11.85
C GLY A 392 28.82 -6.64 10.71
N ALA A 393 27.69 -6.15 10.20
CA ALA A 393 26.99 -6.80 9.10
C ALA A 393 27.56 -6.27 7.77
N LYS A 394 28.13 -7.19 6.98
CA LYS A 394 28.74 -6.82 5.69
C LYS A 394 27.65 -6.49 4.67
N LEU A 395 27.68 -5.26 4.16
CA LEU A 395 26.94 -4.91 2.96
C LEU A 395 27.37 -5.81 1.80
N GLU A 396 26.50 -6.71 1.38
CA GLU A 396 26.75 -7.49 0.16
C GLU A 396 26.30 -6.76 -1.11
N GLY A 397 25.30 -5.89 -1.02
CA GLY A 397 24.70 -5.27 -2.20
C GLY A 397 23.79 -4.10 -1.88
N MET A 398 23.76 -3.11 -2.78
CA MET A 398 22.99 -1.89 -2.58
C MET A 398 22.36 -1.50 -3.94
N TYR A 399 21.03 -1.58 -4.03
CA TYR A 399 20.31 -1.45 -5.29
C TYR A 399 19.31 -0.30 -5.22
N PRO A 400 19.41 0.69 -6.10
CA PRO A 400 18.44 1.79 -6.07
C PRO A 400 17.10 1.38 -6.68
N VAL A 401 16.05 1.99 -6.15
CA VAL A 401 14.70 1.79 -6.65
C VAL A 401 14.17 3.16 -7.03
N SER A 402 14.02 3.40 -8.31
CA SER A 402 13.77 4.74 -8.83
C SER A 402 12.28 4.91 -9.11
N ILE A 403 11.94 5.89 -9.94
CA ILE A 403 10.57 6.35 -10.14
C ILE A 403 10.19 6.10 -11.59
N ASP A 404 9.05 5.45 -11.80
CA ASP A 404 8.36 5.40 -13.09
C ASP A 404 7.35 6.54 -13.23
N MET A 405 7.02 6.88 -14.48
CA MET A 405 6.01 7.89 -14.79
C MET A 405 5.18 7.44 -16.00
N ASP A 406 4.04 8.10 -16.19
CA ASP A 406 3.30 8.00 -17.44
C ASP A 406 4.26 8.24 -18.60
N ARG A 407 4.27 7.30 -19.55
CA ARG A 407 5.15 7.35 -20.72
C ARG A 407 6.62 7.24 -20.37
N LEU A 408 6.96 6.87 -19.12
CA LEU A 408 8.29 6.35 -18.76
C LEU A 408 8.06 5.12 -17.87
N ALA A 409 7.59 4.03 -18.49
CA ALA A 409 7.23 2.85 -17.74
C ALA A 409 8.45 2.15 -17.14
N LEU A 410 9.65 2.43 -17.64
CA LEU A 410 10.86 1.78 -17.17
C LEU A 410 11.94 2.79 -16.83
N ASN A 411 12.62 2.53 -15.73
CA ASN A 411 13.70 3.36 -15.23
C ASN A 411 14.84 2.44 -14.83
N MET A 412 16.03 2.68 -15.39
CA MET A 412 17.21 1.86 -15.14
C MET A 412 18.22 2.71 -14.39
N THR A 413 18.47 2.36 -13.13
CA THR A 413 19.36 3.12 -12.26
C THR A 413 20.54 2.23 -11.87
N LEU A 414 21.74 2.76 -12.03
CA LEU A 414 22.95 1.99 -11.80
C LEU A 414 23.80 2.63 -10.73
N THR A 415 24.43 1.79 -9.93
CA THR A 415 25.45 2.22 -8.99
C THR A 415 26.51 1.14 -8.94
N SER A 416 27.56 1.43 -8.20
CA SER A 416 28.67 0.51 -8.05
C SER A 416 29.03 0.42 -6.59
N TYR A 417 29.45 -0.76 -6.17
CA TYR A 417 29.86 -0.98 -4.80
C TYR A 417 31.03 -1.95 -4.82
N ASN A 418 32.15 -1.51 -4.25
CA ASN A 418 33.33 -2.37 -4.13
C ASN A 418 33.73 -2.94 -5.49
N ASP A 419 33.56 -4.25 -5.69
CA ASP A 419 34.02 -4.91 -6.92
C ASP A 419 32.95 -5.02 -8.00
N GLN A 420 31.77 -4.45 -7.80
CA GLN A 420 30.62 -4.84 -8.60
C GLN A 420 29.83 -3.61 -9.05
N VAL A 421 29.10 -3.76 -10.13
CA VAL A 421 28.15 -2.74 -10.60
C VAL A 421 26.75 -3.28 -10.35
N GLU A 422 25.88 -2.45 -9.77
CA GLU A 422 24.54 -2.83 -9.36
C GLU A 422 23.51 -2.27 -10.33
N PHE A 423 22.63 -3.13 -10.84
CA PHE A 423 21.56 -2.70 -11.73
C PHE A 423 20.21 -2.75 -10.99
N GLY A 424 19.55 -1.59 -10.85
CA GLY A 424 18.18 -1.50 -10.37
C GLY A 424 17.17 -1.13 -11.44
N LEU A 425 16.30 -2.08 -11.81
CA LEU A 425 15.25 -1.87 -12.82
C LEU A 425 13.90 -1.76 -12.13
N ILE A 426 13.23 -0.62 -12.30
CA ILE A 426 11.91 -0.46 -11.72
C ILE A 426 10.95 -0.12 -12.85
N GLY A 427 9.87 -0.88 -12.96
CA GLY A 427 8.95 -0.72 -14.06
C GLY A 427 7.51 -0.93 -13.63
N CYS A 428 6.60 -0.40 -14.44
CA CYS A 428 5.19 -0.65 -14.22
C CYS A 428 4.88 -2.12 -14.53
N ARG A 429 4.21 -2.78 -13.58
CA ARG A 429 4.04 -4.23 -13.66
C ARG A 429 3.16 -4.64 -14.84
N ARG A 430 2.17 -3.83 -15.18
CA ARG A 430 1.29 -4.16 -16.30
C ARG A 430 1.94 -3.85 -17.64
N THR A 431 2.67 -2.73 -17.74
CA THR A 431 3.28 -2.35 -19.00
C THR A 431 4.46 -3.24 -19.35
N LEU A 432 5.15 -3.73 -18.33
CA LEU A 432 6.36 -4.52 -18.50
C LEU A 432 6.09 -5.89 -17.87
N PRO A 433 5.38 -6.76 -18.60
CA PRO A 433 5.19 -8.14 -18.13
C PRO A 433 6.51 -8.88 -18.14
N SER A 434 6.79 -9.59 -17.04
CA SER A 434 8.01 -10.37 -16.89
C SER A 434 9.26 -9.49 -16.92
N LEU A 435 9.18 -8.35 -16.22
CA LEU A 435 10.32 -7.43 -16.19
C LEU A 435 11.61 -8.11 -15.74
N GLN A 436 11.51 -9.08 -14.82
CA GLN A 436 12.69 -9.79 -14.33
C GLN A 436 13.49 -10.51 -15.42
N ARG A 437 12.88 -10.84 -16.57
CA ARG A 437 13.68 -11.43 -17.66
C ARG A 437 14.83 -10.50 -18.06
N MET A 438 14.69 -9.19 -17.83
CA MET A 438 15.74 -8.26 -18.20
C MET A 438 17.07 -8.60 -17.56
N LEU A 439 17.04 -9.01 -16.28
CA LEU A 439 18.30 -9.39 -15.64
C LEU A 439 19.02 -10.49 -16.43
N ASP A 440 18.26 -11.50 -16.92
CA ASP A 440 18.86 -12.50 -17.82
C ASP A 440 19.37 -11.86 -19.09
N TYR A 441 18.59 -10.96 -19.70
CA TYR A 441 19.01 -10.36 -20.96
C TYR A 441 20.18 -9.41 -20.74
N LEU A 442 20.30 -8.84 -19.53
CA LEU A 442 21.49 -8.06 -19.21
C LEU A 442 22.72 -8.96 -19.22
N GLU A 443 22.69 -10.04 -18.44
CA GLU A 443 23.77 -11.02 -18.41
C GLU A 443 24.08 -11.53 -19.81
N GLN A 444 23.02 -11.86 -20.56
CA GLN A 444 23.21 -12.35 -21.92
C GLN A 444 23.88 -11.29 -22.81
N GLY A 445 23.59 -10.01 -22.58
CA GLY A 445 24.29 -8.98 -23.34
C GLY A 445 25.79 -8.98 -23.08
N LEU A 446 26.19 -9.24 -21.84
CA LEU A 446 27.62 -9.30 -21.53
C LEU A 446 28.26 -10.58 -22.05
N ALA A 447 27.52 -11.69 -22.05
CA ALA A 447 28.06 -12.94 -22.56
C ALA A 447 28.28 -12.87 -24.07
N GLU A 448 27.32 -12.29 -24.81
CA GLU A 448 27.50 -12.12 -26.24
C GLU A 448 28.78 -11.36 -26.54
N LEU A 449 29.07 -10.33 -25.76
CA LEU A 449 30.31 -9.59 -25.95
C LEU A 449 31.53 -10.45 -25.62
N GLU A 450 31.49 -11.16 -24.48
CA GLU A 450 32.56 -12.08 -24.14
C GLU A 450 32.71 -13.17 -25.20
N LEU A 451 31.60 -13.82 -25.57
CA LEU A 451 31.65 -14.90 -26.55
C LEU A 451 32.28 -14.43 -27.86
N ASN A 452 31.95 -13.20 -28.29
CA ASN A 452 32.40 -12.71 -29.59
C ASN A 452 33.89 -12.34 -29.56
N ALA A 453 34.43 -12.01 -28.39
CA ALA A 453 35.85 -11.75 -28.24
C ALA A 453 36.63 -12.98 -27.78
N GLY A 454 35.97 -14.12 -27.62
CA GLY A 454 36.64 -15.31 -27.14
C GLY A 454 37.24 -15.17 -25.76
N LEU A 455 36.42 -14.83 -24.76
CA LEU A 455 36.89 -14.83 -23.37
C LEU A 455 36.22 -15.93 -22.56
N MET B 1 -19.63 -1.35 -21.31
CA MET B 1 -20.34 -2.52 -20.80
C MET B 1 -21.19 -2.13 -19.59
N THR B 2 -21.22 -3.00 -18.58
CA THR B 2 -22.01 -2.79 -17.37
C THR B 2 -21.71 -1.43 -16.74
N PRO B 3 -22.71 -0.53 -16.63
CA PRO B 3 -22.45 0.78 -16.00
C PRO B 3 -22.25 0.68 -14.49
N LEU B 4 -21.95 1.81 -13.85
CA LEU B 4 -21.67 1.88 -12.40
C LEU B 4 -22.86 2.53 -11.71
N ASN B 5 -23.66 1.72 -11.00
CA ASN B 5 -24.81 2.29 -10.33
C ASN B 5 -24.35 3.37 -9.36
N PRO B 6 -25.21 4.35 -9.05
CA PRO B 6 -24.70 5.57 -8.39
C PRO B 6 -24.08 5.35 -7.02
N THR B 7 -24.41 4.29 -6.30
CA THR B 7 -23.75 4.08 -5.01
C THR B 7 -22.29 3.66 -5.21
N ASP B 8 -22.02 2.80 -6.20
CA ASP B 8 -20.65 2.44 -6.53
C ASP B 8 -19.83 3.68 -6.91
N GLN B 9 -20.42 4.58 -7.70
CA GLN B 9 -19.71 5.79 -8.06
C GLN B 9 -19.33 6.61 -6.83
N LEU B 10 -20.12 6.53 -5.77
CA LEU B 10 -19.90 7.35 -4.59
C LEU B 10 -18.63 6.91 -3.84
N PHE B 11 -18.43 5.59 -3.69
CA PHE B 11 -17.25 5.09 -3.00
C PHE B 11 -15.96 5.42 -3.76
N LEU B 12 -16.06 5.47 -5.10
CA LEU B 12 -14.91 5.94 -5.86
C LEU B 12 -14.67 7.40 -5.55
N TRP B 13 -15.74 8.17 -5.44
CA TRP B 13 -15.63 9.63 -5.42
C TRP B 13 -15.01 10.13 -4.12
N LEU B 14 -15.53 9.69 -2.97
CA LEU B 14 -15.02 10.23 -1.72
C LEU B 14 -13.76 9.50 -1.24
N GLU B 15 -13.20 8.62 -2.08
CA GLU B 15 -11.91 8.02 -1.76
C GLU B 15 -10.79 9.04 -1.94
N LYS B 16 -9.83 8.99 -1.01
CA LYS B 16 -8.65 9.86 -0.97
C LYS B 16 -7.58 9.06 -0.24
N ARG B 17 -6.36 9.62 -0.18
CA ARG B 17 -5.26 8.85 0.42
C ARG B 17 -5.50 8.56 1.90
N GLN B 18 -6.20 9.45 2.60
CA GLN B 18 -6.38 9.22 4.03
C GLN B 18 -7.58 8.34 4.35
N GLN B 19 -8.46 8.08 3.37
CA GLN B 19 -9.61 7.20 3.56
C GLN B 19 -9.74 6.29 2.33
N PRO B 20 -8.92 5.25 2.24
CA PRO B 20 -9.22 4.24 1.22
C PRO B 20 -10.64 3.72 1.44
N MET B 21 -11.27 3.34 0.34
CA MET B 21 -12.66 2.93 0.34
C MET B 21 -12.78 1.46 -0.06
N HIS B 22 -11.85 0.65 0.44
CA HIS B 22 -11.92 -0.80 0.28
C HIS B 22 -12.29 -1.44 1.61
N VAL B 23 -13.00 -2.56 1.55
CA VAL B 23 -13.23 -3.37 2.72
C VAL B 23 -12.28 -4.56 2.69
N GLY B 24 -12.24 -5.31 3.77
CA GLY B 24 -11.35 -6.43 3.93
C GLY B 24 -11.91 -7.45 4.90
N GLY B 25 -11.30 -8.63 4.90
CA GLY B 25 -11.66 -9.66 5.85
C GLY B 25 -10.46 -10.50 6.19
N LEU B 26 -10.35 -10.88 7.46
CA LEU B 26 -9.24 -11.67 7.97
C LEU B 26 -9.76 -13.03 8.45
N GLN B 27 -9.38 -14.07 7.73
CA GLN B 27 -9.75 -15.45 8.04
C GLN B 27 -8.54 -16.19 8.60
N LEU B 28 -8.73 -16.84 9.73
CA LEU B 28 -7.68 -17.59 10.40
C LEU B 28 -8.03 -19.08 10.34
N PHE B 29 -7.09 -19.90 9.87
CA PHE B 29 -7.31 -21.34 9.77
C PHE B 29 -6.27 -22.11 10.57
N SER B 30 -6.59 -23.37 10.83
CA SER B 30 -5.61 -24.30 11.35
C SER B 30 -5.12 -25.20 10.21
N PHE B 31 -3.90 -25.70 10.36
CA PHE B 31 -3.42 -26.72 9.43
C PHE B 31 -4.43 -27.87 9.39
N PRO B 32 -4.81 -28.37 8.21
CA PRO B 32 -5.65 -29.57 8.17
C PRO B 32 -4.91 -30.72 8.85
N GLU B 33 -5.68 -31.60 9.50
CA GLU B 33 -5.05 -32.67 10.28
C GLU B 33 -4.13 -33.51 9.40
N GLY B 34 -2.91 -33.71 9.89
CA GLY B 34 -1.92 -34.50 9.17
C GLY B 34 -1.21 -33.79 8.05
N ALA B 35 -1.03 -32.47 8.14
CA ALA B 35 -0.43 -31.59 7.15
C ALA B 35 1.08 -31.52 7.35
N PRO B 36 1.84 -31.55 6.26
CA PRO B 36 3.29 -31.39 6.38
C PRO B 36 3.64 -30.05 6.99
N ASP B 37 4.77 -30.02 7.71
CA ASP B 37 5.29 -28.81 8.35
C ASP B 37 5.26 -27.59 7.42
N ASP B 38 5.36 -27.82 6.11
CA ASP B 38 5.45 -26.76 5.12
C ASP B 38 4.16 -26.62 4.33
N TYR B 39 3.00 -26.83 4.99
CA TYR B 39 1.72 -26.92 4.27
C TYR B 39 1.33 -25.61 3.59
N VAL B 40 1.70 -24.46 4.14
CA VAL B 40 1.23 -23.22 3.53
C VAL B 40 1.98 -22.97 2.23
N ALA B 41 3.31 -23.15 2.24
CA ALA B 41 4.07 -22.98 1.00
C ALA B 41 3.55 -23.91 -0.10
N GLN B 42 3.18 -25.15 0.26
CA GLN B 42 2.51 -26.04 -0.69
C GLN B 42 1.21 -25.42 -1.19
N LEU B 43 0.43 -24.81 -0.28
CA LEU B 43 -0.85 -24.22 -0.67
C LEU B 43 -0.66 -23.06 -1.64
N ALA B 44 0.29 -22.17 -1.33
CA ALA B 44 0.51 -21.03 -2.21
C ALA B 44 0.81 -21.49 -3.62
N ASP B 45 1.56 -22.59 -3.74
CA ASP B 45 1.99 -23.05 -5.06
C ASP B 45 0.79 -23.43 -5.93
N GLN B 46 -0.21 -24.11 -5.37
CA GLN B 46 -1.34 -24.51 -6.21
C GLN B 46 -2.36 -23.41 -6.39
N LEU B 47 -2.41 -22.43 -5.47
CA LEU B 47 -3.30 -21.30 -5.71
C LEU B 47 -2.78 -20.45 -6.86
N ARG B 48 -1.45 -20.31 -6.97
CA ARG B 48 -0.87 -19.58 -8.10
C ARG B 48 -1.27 -20.20 -9.42
N GLN B 49 -1.40 -21.53 -9.45
CA GLN B 49 -1.83 -22.23 -10.65
C GLN B 49 -3.24 -21.81 -11.04
N LYS B 50 -4.17 -21.83 -10.09
CA LYS B 50 -5.57 -21.56 -10.36
C LYS B 50 -5.75 -20.19 -11.00
N THR B 51 -5.90 -20.17 -12.32
CA THR B 51 -5.88 -18.94 -13.12
C THR B 51 -7.26 -18.52 -13.62
N GLU B 52 -8.28 -19.37 -13.53
CA GLU B 52 -9.60 -18.93 -13.95
C GLU B 52 -10.20 -18.01 -12.89
N VAL B 53 -10.77 -16.90 -13.37
CA VAL B 53 -11.33 -15.85 -12.53
C VAL B 53 -12.71 -15.50 -13.08
N THR B 54 -13.72 -15.51 -12.22
CA THR B 54 -15.07 -15.15 -12.64
C THR B 54 -15.59 -13.97 -11.83
N ALA B 55 -16.53 -13.26 -12.43
CA ALA B 55 -17.19 -12.06 -11.93
C ALA B 55 -17.52 -12.22 -10.45
N PRO B 56 -17.39 -11.15 -9.65
CA PRO B 56 -17.02 -9.82 -10.16
C PRO B 56 -15.51 -9.56 -10.21
N PHE B 57 -14.70 -10.59 -9.94
CA PHE B 57 -13.27 -10.42 -9.77
C PHE B 57 -12.52 -10.21 -11.09
N ASN B 58 -13.20 -10.26 -12.24
CA ASN B 58 -12.55 -10.01 -13.52
C ASN B 58 -13.05 -8.70 -14.12
N GLN B 59 -13.79 -7.92 -13.34
CA GLN B 59 -14.27 -6.62 -13.76
C GLN B 59 -13.22 -5.56 -13.46
N ARG B 60 -13.10 -4.58 -14.33
CA ARG B 60 -12.16 -3.51 -14.04
C ARG B 60 -12.79 -2.19 -14.47
N LEU B 61 -12.34 -1.12 -13.82
CA LEU B 61 -12.93 0.19 -14.05
C LEU B 61 -12.45 0.78 -15.36
N SER B 62 -13.40 1.32 -16.12
CA SER B 62 -13.09 2.03 -17.35
C SER B 62 -14.15 3.11 -17.53
N TYR B 63 -13.82 4.13 -18.31
CA TYR B 63 -14.74 5.23 -18.54
C TYR B 63 -15.14 5.28 -20.02
N ARG B 64 -16.43 5.50 -20.26
CA ARG B 64 -16.97 5.71 -21.60
C ARG B 64 -17.19 7.21 -21.76
N LEU B 65 -16.20 7.88 -22.35
CA LEU B 65 -16.11 9.34 -22.45
C LEU B 65 -16.05 9.98 -21.06
N GLY B 66 -17.20 10.09 -20.38
CA GLY B 66 -17.19 10.69 -19.05
C GLY B 66 -17.68 9.78 -17.94
N GLN B 67 -18.35 8.69 -18.27
CA GLN B 67 -19.08 7.92 -17.27
C GLN B 67 -18.39 6.60 -16.95
N PRO B 68 -18.28 6.25 -15.67
CA PRO B 68 -17.52 5.05 -15.28
C PRO B 68 -18.32 3.77 -15.52
N VAL B 69 -17.63 2.77 -16.07
CA VAL B 69 -18.23 1.48 -16.38
C VAL B 69 -17.26 0.37 -16.00
N TRP B 70 -17.80 -0.80 -15.72
CA TRP B 70 -17.00 -2.00 -15.59
C TRP B 70 -16.74 -2.60 -16.97
N VAL B 71 -15.63 -3.33 -17.09
CA VAL B 71 -15.28 -4.02 -18.33
C VAL B 71 -14.57 -5.32 -17.98
N GLU B 72 -14.73 -6.30 -18.84
CA GLU B 72 -14.13 -7.62 -18.64
C GLU B 72 -12.63 -7.52 -18.85
N ASP B 73 -11.85 -7.78 -17.80
CA ASP B 73 -10.42 -7.58 -17.89
C ASP B 73 -9.79 -8.69 -18.72
N GLU B 74 -9.27 -8.33 -19.89
CA GLU B 74 -8.71 -9.32 -20.79
C GLU B 74 -7.44 -9.93 -20.24
N HIS B 75 -6.56 -9.10 -19.67
CA HIS B 75 -5.23 -9.55 -19.21
C HIS B 75 -5.11 -9.31 -17.70
N LEU B 76 -5.62 -10.27 -16.92
CA LEU B 76 -5.44 -10.22 -15.47
C LEU B 76 -4.20 -11.00 -15.07
N ASP B 77 -3.42 -10.40 -14.16
CA ASP B 77 -2.14 -10.95 -13.72
C ASP B 77 -2.35 -11.49 -12.30
N LEU B 78 -2.53 -12.81 -12.19
CA LEU B 78 -2.93 -13.36 -10.91
C LEU B 78 -1.88 -13.14 -9.85
N GLU B 79 -0.62 -12.99 -10.22
CA GLU B 79 0.35 -12.77 -9.16
C GLU B 79 0.40 -11.30 -8.73
N HIS B 80 -0.36 -10.43 -9.41
CA HIS B 80 -0.64 -9.14 -8.81
C HIS B 80 -1.71 -9.25 -7.72
N HIS B 81 -2.79 -10.01 -7.98
CA HIS B 81 -3.91 -10.06 -7.05
C HIS B 81 -3.70 -11.07 -5.92
N PHE B 82 -2.99 -12.16 -6.16
CA PHE B 82 -2.74 -13.18 -5.14
C PHE B 82 -1.31 -13.08 -4.61
N ARG B 83 -1.16 -13.08 -3.29
CA ARG B 83 0.15 -12.81 -2.69
C ARG B 83 0.41 -13.76 -1.54
N PHE B 84 1.64 -14.23 -1.48
CA PHE B 84 2.13 -15.15 -0.47
C PHE B 84 3.11 -14.37 0.39
N GLU B 85 2.77 -14.19 1.66
CA GLU B 85 3.58 -13.40 2.57
C GLU B 85 3.71 -14.15 3.89
N ALA B 86 4.54 -13.61 4.76
CA ALA B 86 4.96 -14.31 5.95
C ALA B 86 5.04 -13.33 7.10
N LEU B 87 4.75 -13.83 8.34
CA LEU B 87 4.84 -12.92 9.46
C LEU B 87 6.27 -12.88 9.99
N PRO B 88 6.71 -11.75 10.51
CA PRO B 88 8.02 -11.72 11.16
C PRO B 88 7.96 -12.46 12.49
N THR B 89 9.12 -12.99 12.90
CA THR B 89 9.26 -13.60 14.23
C THR B 89 8.70 -12.64 15.29
N PRO B 90 7.85 -13.11 16.22
CA PRO B 90 7.55 -14.53 16.48
C PRO B 90 6.25 -15.08 15.90
N GLY B 91 5.67 -14.41 14.92
CA GLY B 91 4.57 -14.99 14.18
C GLY B 91 3.27 -15.20 14.94
N ARG B 92 3.04 -14.47 16.02
CA ARG B 92 1.83 -14.66 16.80
C ARG B 92 0.80 -13.58 16.45
N ILE B 93 -0.25 -13.48 17.27
CA ILE B 93 -1.41 -12.70 16.86
C ILE B 93 -1.05 -11.21 16.76
N ARG B 94 -0.24 -10.70 17.67
CA ARG B 94 0.18 -9.31 17.55
C ARG B 94 0.79 -9.04 16.17
N GLU B 95 1.61 -9.95 15.65
CA GLU B 95 2.19 -9.73 14.32
C GLU B 95 1.14 -9.85 13.21
N LEU B 96 0.23 -10.82 13.29
CA LEU B 96 -0.81 -10.96 12.26
C LEU B 96 -1.64 -9.69 12.14
N LEU B 97 -1.87 -8.99 13.25
CA LEU B 97 -2.73 -7.82 13.19
C LEU B 97 -1.97 -6.63 12.64
N SER B 98 -0.65 -6.55 12.93
CA SER B 98 0.19 -5.53 12.33
C SER B 98 0.24 -5.67 10.83
N PHE B 99 0.30 -6.92 10.36
CA PHE B 99 0.32 -7.15 8.91
C PHE B 99 -0.95 -6.61 8.27
N VAL B 100 -2.11 -6.90 8.87
CA VAL B 100 -3.36 -6.45 8.27
C VAL B 100 -3.48 -4.92 8.35
N SER B 101 -2.95 -4.32 9.41
CA SER B 101 -3.04 -2.86 9.57
C SER B 101 -2.24 -2.14 8.50
N ALA B 102 -1.01 -2.62 8.22
CA ALA B 102 -0.20 -2.11 7.13
C ALA B 102 -0.88 -2.34 5.77
N GLU B 103 -1.32 -3.57 5.52
CA GLU B 103 -1.86 -3.87 4.20
C GLU B 103 -3.20 -3.16 3.95
N HIS B 104 -4.04 -3.00 4.99
CA HIS B 104 -5.34 -2.35 4.83
C HIS B 104 -5.19 -0.84 4.58
N SER B 105 -4.09 -0.21 5.03
CA SER B 105 -3.80 1.19 4.74
C SER B 105 -3.68 1.50 3.24
N HIS B 106 -3.23 0.54 2.43
CA HIS B 106 -2.77 0.86 1.08
C HIS B 106 -3.94 0.98 0.09
N LEU B 107 -3.97 2.12 -0.61
CA LEU B 107 -4.83 2.30 -1.77
C LEU B 107 -4.69 1.16 -2.78
N MET B 108 -5.81 0.73 -3.34
CA MET B 108 -5.74 -0.25 -4.40
C MET B 108 -5.59 0.45 -5.74
N ASP B 109 -5.04 -0.28 -6.71
CA ASP B 109 -4.81 0.23 -8.06
C ASP B 109 -6.11 0.19 -8.86
N ARG B 110 -6.56 1.34 -9.35
CA ARG B 110 -7.84 1.38 -10.04
C ARG B 110 -7.79 0.79 -11.45
N GLU B 111 -6.59 0.62 -12.02
CA GLU B 111 -6.46 0.13 -13.38
C GLU B 111 -6.59 -1.39 -13.49
N ARG B 112 -6.70 -2.10 -12.38
CA ARG B 112 -6.95 -3.54 -12.39
C ARG B 112 -8.15 -3.85 -11.52
N PRO B 113 -8.79 -5.00 -11.73
CA PRO B 113 -9.87 -5.41 -10.82
C PRO B 113 -9.42 -5.27 -9.38
N MET B 114 -10.28 -4.70 -8.55
CA MET B 114 -9.82 -4.17 -7.28
C MET B 114 -10.04 -5.17 -6.15
N TRP B 115 -9.27 -6.26 -6.23
CA TRP B 115 -9.27 -7.23 -5.14
C TRP B 115 -7.86 -7.75 -4.93
N GLU B 116 -7.56 -8.11 -3.69
CA GLU B 116 -6.34 -8.83 -3.36
C GLU B 116 -6.67 -9.92 -2.37
N VAL B 117 -5.99 -11.06 -2.51
CA VAL B 117 -5.98 -12.09 -1.48
C VAL B 117 -4.54 -12.28 -1.00
N HIS B 118 -4.35 -12.23 0.31
CA HIS B 118 -3.04 -12.35 0.93
C HIS B 118 -3.03 -13.62 1.78
N LEU B 119 -2.29 -14.63 1.33
CA LEU B 119 -2.05 -15.83 2.12
C LEU B 119 -0.81 -15.62 2.98
N ILE B 120 -1.01 -15.65 4.29
CA ILE B 120 0.04 -15.35 5.28
C ILE B 120 0.48 -16.65 5.94
N GLU B 121 1.78 -16.93 5.88
CA GLU B 121 2.44 -18.04 6.56
C GLU B 121 3.24 -17.47 7.73
N GLY B 122 3.94 -18.34 8.43
CA GLY B 122 4.71 -17.95 9.59
C GLY B 122 3.94 -17.80 10.89
N LEU B 123 2.69 -18.25 10.93
CA LEU B 123 1.97 -18.21 12.20
C LEU B 123 2.43 -19.36 13.08
N LYS B 124 2.39 -19.15 14.40
CA LYS B 124 3.04 -20.04 15.35
C LYS B 124 2.61 -21.50 15.26
N ASP B 125 1.45 -21.85 15.81
CA ASP B 125 1.18 -23.27 16.11
C ASP B 125 0.29 -23.89 15.01
N ARG B 126 0.85 -23.95 13.82
CA ARG B 126 0.25 -24.66 12.69
C ARG B 126 -1.08 -24.03 12.27
N GLN B 127 -1.04 -22.70 12.12
CA GLN B 127 -2.14 -21.95 11.54
C GLN B 127 -1.62 -21.13 10.37
N PHE B 128 -2.54 -20.74 9.49
CA PHE B 128 -2.28 -19.75 8.45
C PHE B 128 -3.47 -18.80 8.37
N ALA B 129 -3.32 -17.75 7.54
CA ALA B 129 -4.33 -16.70 7.47
C ALA B 129 -4.60 -16.30 6.03
N LEU B 130 -5.83 -15.87 5.77
CA LEU B 130 -6.17 -15.21 4.52
C LEU B 130 -6.60 -13.78 4.86
N TYR B 131 -5.92 -12.81 4.27
CA TYR B 131 -6.38 -11.42 4.30
C TYR B 131 -6.83 -11.04 2.90
N THR B 132 -8.13 -10.76 2.77
CA THR B 132 -8.75 -10.41 1.49
C THR B 132 -9.17 -8.95 1.51
N LYS B 133 -8.92 -8.25 0.39
CA LYS B 133 -9.17 -6.82 0.28
C LYS B 133 -9.97 -6.61 -1.00
N VAL B 134 -11.17 -6.05 -0.90
CA VAL B 134 -11.97 -5.75 -2.09
C VAL B 134 -12.50 -4.32 -1.99
N HIS B 135 -12.49 -3.61 -3.12
CA HIS B 135 -13.01 -2.26 -3.14
C HIS B 135 -14.54 -2.25 -3.04
N HIS B 136 -15.07 -1.33 -2.23
CA HIS B 136 -16.52 -1.25 -2.03
C HIS B 136 -17.27 -0.93 -3.33
N SER B 137 -16.65 -0.18 -4.25
CA SER B 137 -17.26 0.01 -5.57
C SER B 137 -17.52 -1.30 -6.30
N LEU B 138 -16.72 -2.33 -6.01
CA LEU B 138 -16.84 -3.60 -6.70
C LEU B 138 -17.66 -4.62 -5.93
N VAL B 139 -17.49 -4.70 -4.61
CA VAL B 139 -18.27 -5.57 -3.75
C VAL B 139 -18.51 -4.86 -2.42
N ASP B 140 -19.77 -4.72 -2.02
CA ASP B 140 -20.08 -4.14 -0.72
C ASP B 140 -19.55 -5.04 0.40
N GLY B 141 -19.75 -4.58 1.65
CA GLY B 141 -19.18 -5.24 2.80
C GLY B 141 -19.77 -6.58 3.19
N VAL B 142 -21.08 -6.74 3.09
CA VAL B 142 -21.68 -7.98 3.58
C VAL B 142 -21.53 -9.09 2.55
N SER B 143 -21.86 -8.81 1.27
CA SER B 143 -21.68 -9.85 0.25
C SER B 143 -20.22 -10.22 0.09
N ALA B 144 -19.30 -9.29 0.35
CA ALA B 144 -17.90 -9.68 0.46
C ALA B 144 -17.74 -10.74 1.54
N MET B 145 -18.23 -10.45 2.76
CA MET B 145 -18.08 -11.43 3.83
C MET B 145 -19.11 -12.56 3.74
N ARG B 146 -19.96 -12.56 2.71
CA ARG B 146 -20.72 -13.75 2.37
C ARG B 146 -19.99 -14.63 1.37
N MET B 147 -19.35 -14.02 0.37
CA MET B 147 -18.48 -14.75 -0.55
C MET B 147 -17.37 -15.48 0.19
N ALA B 148 -16.78 -14.83 1.20
CA ALA B 148 -15.71 -15.48 1.94
C ALA B 148 -16.23 -16.67 2.75
N THR B 149 -17.51 -16.67 3.10
CA THR B 149 -18.12 -17.82 3.76
C THR B 149 -18.58 -18.85 2.74
N ARG B 150 -19.33 -18.39 1.72
CA ARG B 150 -19.74 -19.27 0.61
C ARG B 150 -18.56 -20.03 0.01
N MET B 151 -17.36 -19.42 0.03
CA MET B 151 -16.14 -20.07 -0.41
C MET B 151 -15.81 -21.32 0.39
N LEU B 152 -16.45 -21.53 1.54
CA LEU B 152 -16.12 -22.65 2.41
C LEU B 152 -17.22 -23.70 2.35
N SER B 153 -16.98 -24.82 3.02
CA SER B 153 -17.94 -25.90 3.10
C SER B 153 -17.99 -26.44 4.52
N GLU B 154 -19.07 -27.15 4.83
CA GLU B 154 -19.23 -27.76 6.15
C GLU B 154 -18.49 -29.08 6.31
N ASN B 155 -18.15 -29.76 5.20
CA ASN B 155 -17.54 -31.08 5.27
C ASN B 155 -16.02 -30.98 5.35
N PRO B 156 -15.39 -31.43 6.45
CA PRO B 156 -13.92 -31.38 6.52
C PRO B 156 -13.22 -32.46 5.71
N ASP B 157 -13.94 -33.49 5.26
CA ASP B 157 -13.37 -34.55 4.44
C ASP B 157 -13.20 -34.12 2.98
N GLU B 158 -13.86 -33.04 2.56
CA GLU B 158 -13.86 -32.62 1.16
C GLU B 158 -12.60 -31.83 0.82
N HIS B 159 -12.11 -32.01 -0.42
CA HIS B 159 -10.92 -31.30 -0.87
C HIS B 159 -11.16 -30.74 -2.28
N GLY B 160 -10.12 -30.09 -2.80
CA GLY B 160 -10.20 -29.45 -4.12
C GLY B 160 -11.21 -28.33 -4.23
N MET B 161 -11.35 -27.48 -3.15
CA MET B 161 -12.28 -26.36 -3.18
C MET B 161 -11.62 -25.12 -3.78
N PRO B 162 -12.39 -24.33 -4.54
CA PRO B 162 -11.83 -23.18 -5.26
C PRO B 162 -11.42 -22.07 -4.30
N PRO B 163 -10.68 -21.07 -4.81
CA PRO B 163 -10.50 -19.81 -4.08
C PRO B 163 -11.57 -18.79 -4.44
N ILE B 164 -11.62 -17.71 -3.62
CA ILE B 164 -12.72 -16.76 -3.72
C ILE B 164 -12.82 -16.12 -5.11
N TRP B 165 -11.71 -16.04 -5.84
CA TRP B 165 -11.84 -15.32 -7.10
C TRP B 165 -12.49 -16.15 -8.18
N ASP B 166 -12.72 -17.44 -7.93
CA ASP B 166 -13.33 -18.38 -8.88
C ASP B 166 -14.46 -19.11 -8.15
N LEU B 167 -15.68 -18.58 -8.27
CA LEU B 167 -16.80 -19.16 -7.53
C LEU B 167 -17.98 -19.40 -8.46
N PRO B 168 -18.71 -20.51 -8.23
CA PRO B 168 -19.97 -20.82 -8.92
C PRO B 168 -20.96 -19.65 -8.89
N GLY B 191 -27.67 5.89 -1.49
CA GLY B 191 -27.86 7.32 -1.38
C GLY B 191 -29.00 7.77 -2.27
N LEU B 192 -30.17 7.99 -1.68
CA LEU B 192 -31.38 8.33 -2.43
C LEU B 192 -31.18 9.52 -3.36
N SER B 193 -31.14 10.74 -2.81
CA SER B 193 -31.18 11.96 -3.62
C SER B 193 -29.81 12.39 -4.11
N GLY B 194 -28.89 11.44 -4.35
CA GLY B 194 -27.65 11.75 -5.02
C GLY B 194 -27.73 11.47 -6.51
N ARG B 195 -26.76 12.02 -7.25
CA ARG B 195 -26.74 11.78 -8.69
C ARG B 195 -25.33 11.54 -9.24
N GLN B 196 -24.48 12.57 -9.27
CA GLN B 196 -23.38 12.62 -10.22
C GLN B 196 -22.05 12.91 -9.52
N LEU B 197 -20.99 12.72 -10.29
CA LEU B 197 -19.71 13.33 -9.97
C LEU B 197 -19.89 14.82 -9.83
N GLY B 198 -19.16 15.41 -8.90
CA GLY B 198 -19.14 16.85 -8.76
C GLY B 198 -17.93 17.23 -7.94
N THR B 199 -17.70 18.53 -7.83
CA THR B 199 -16.73 18.98 -6.85
C THR B 199 -17.38 19.02 -5.47
N ILE B 200 -16.57 19.02 -4.41
CA ILE B 200 -17.14 18.94 -3.06
C ILE B 200 -18.03 20.14 -2.73
N PRO B 201 -17.65 21.39 -3.01
CA PRO B 201 -18.63 22.47 -2.79
C PRO B 201 -19.94 22.29 -3.55
N THR B 202 -19.89 21.78 -4.78
CA THR B 202 -21.10 21.62 -5.57
C THR B 202 -22.06 20.63 -4.92
N VAL B 203 -21.57 19.42 -4.60
CA VAL B 203 -22.47 18.44 -4.00
C VAL B 203 -22.76 18.81 -2.54
N ALA B 204 -21.84 19.50 -1.86
CA ALA B 204 -22.17 19.97 -0.51
C ALA B 204 -23.28 21.02 -0.55
N LYS B 205 -23.32 21.82 -1.60
CA LYS B 205 -24.37 22.82 -1.68
C LYS B 205 -25.71 22.19 -2.01
N GLU B 206 -25.74 21.17 -2.88
CA GLU B 206 -26.96 20.39 -3.05
C GLU B 206 -27.42 19.75 -1.73
N LEU B 207 -26.50 19.53 -0.79
CA LEU B 207 -26.90 19.01 0.50
C LEU B 207 -27.56 20.09 1.36
N LEU B 208 -27.01 21.31 1.35
CA LEU B 208 -27.67 22.42 2.04
C LEU B 208 -29.08 22.65 1.50
N LYS B 209 -29.23 22.71 0.16
CA LYS B 209 -30.55 22.90 -0.43
C LYS B 209 -31.51 21.80 0.00
N THR B 210 -31.07 20.54 -0.08
CA THR B 210 -31.90 19.44 0.39
C THR B 210 -32.23 19.62 1.86
N ILE B 211 -31.26 20.04 2.67
CA ILE B 211 -31.49 20.15 4.11
C ILE B 211 -32.45 21.30 4.41
N ASN B 212 -32.28 22.43 3.71
CA ASN B 212 -33.01 23.64 4.07
C ASN B 212 -34.47 23.53 3.68
N GLN B 213 -34.76 22.92 2.52
CA GLN B 213 -36.14 22.64 2.13
C GLN B 213 -36.62 21.30 2.70
N ALA B 214 -35.90 20.74 3.67
CA ALA B 214 -36.53 19.88 4.66
C ALA B 214 -37.07 20.69 5.83
N ARG B 215 -37.62 21.88 5.51
CA ARG B 215 -38.16 22.91 6.40
C ARG B 215 -37.06 23.85 6.92
N LYS B 216 -35.87 23.31 7.21
CA LYS B 216 -34.78 24.10 7.80
C LYS B 216 -33.39 23.57 7.44
N ALA B 226 -24.82 14.37 19.24
CA ALA B 226 -23.49 13.76 19.28
C ALA B 226 -22.39 14.77 19.61
N PRO B 227 -21.64 14.50 20.67
CA PRO B 227 -20.64 15.46 21.16
C PRO B 227 -19.37 15.50 20.31
N ARG B 228 -18.69 16.64 20.38
CA ARG B 228 -17.33 16.69 19.89
C ARG B 228 -16.51 15.63 20.61
N CYS B 229 -15.70 14.91 19.85
CA CYS B 229 -15.02 13.72 20.36
C CYS B 229 -13.74 13.49 19.57
N MET B 230 -12.77 12.90 20.25
CA MET B 230 -11.49 12.61 19.61
C MET B 230 -11.63 11.62 18.45
N LEU B 231 -12.66 10.75 18.46
CA LEU B 231 -12.92 9.91 17.29
C LEU B 231 -13.31 10.71 16.04
N ASN B 232 -13.63 12.00 16.19
CA ASN B 232 -14.33 12.65 15.09
C ASN B 232 -13.54 13.83 14.55
N GLN B 233 -12.39 13.54 13.99
CA GLN B 233 -11.48 14.56 13.47
C GLN B 233 -10.86 14.04 12.17
N LYS B 234 -10.16 14.90 11.47
CA LYS B 234 -9.49 14.51 10.24
C LYS B 234 -8.42 13.44 10.54
N ILE B 235 -8.26 12.50 9.60
CA ILE B 235 -7.47 11.31 9.86
C ILE B 235 -6.33 11.22 8.86
N THR B 236 -5.37 10.35 9.16
CA THR B 236 -4.34 9.91 8.24
C THR B 236 -4.78 8.63 7.54
N GLY B 237 -4.00 8.22 6.56
CA GLY B 237 -4.26 6.99 5.87
C GLY B 237 -3.66 5.72 6.48
N SER B 238 -3.05 5.82 7.66
CA SER B 238 -2.48 4.64 8.31
C SER B 238 -3.50 4.04 9.26
N ARG B 239 -3.54 2.72 9.30
CA ARG B 239 -4.58 1.98 9.98
C ARG B 239 -3.99 1.18 11.12
N ARG B 240 -4.78 1.00 12.16
CA ARG B 240 -4.52 0.04 13.21
C ARG B 240 -5.74 -0.88 13.27
N PHE B 241 -5.49 -2.18 13.14
CA PHE B 241 -6.52 -3.20 13.14
C PHE B 241 -6.42 -4.04 14.40
N ALA B 242 -7.56 -4.28 15.04
CA ALA B 242 -7.64 -5.06 16.28
C ALA B 242 -8.87 -5.94 16.16
N ALA B 243 -8.66 -7.24 16.27
CA ALA B 243 -9.73 -8.22 16.16
C ALA B 243 -9.60 -9.23 17.28
N GLN B 244 -10.73 -9.84 17.64
CA GLN B 244 -10.79 -10.82 18.72
C GLN B 244 -12.16 -11.49 18.72
N SER B 245 -12.20 -12.69 19.28
CA SER B 245 -13.39 -13.51 19.40
C SER B 245 -13.81 -13.61 20.86
N TRP B 246 -15.12 -13.68 21.09
CA TRP B 246 -15.68 -13.91 22.42
C TRP B 246 -16.73 -15.01 22.33
N CYS B 247 -16.75 -15.90 23.33
CA CYS B 247 -17.64 -17.05 23.25
C CYS B 247 -19.10 -16.62 23.41
N LEU B 248 -19.96 -17.14 22.54
CA LEU B 248 -21.37 -16.75 22.52
C LEU B 248 -22.08 -17.11 23.83
N LYS B 249 -21.98 -18.37 24.28
CA LYS B 249 -22.76 -18.75 25.46
C LYS B 249 -22.30 -18.02 26.71
N ARG B 250 -21.02 -17.64 26.75
CA ARG B 250 -20.60 -16.70 27.78
C ARG B 250 -21.46 -15.44 27.73
N ILE B 251 -21.75 -14.95 26.53
CA ILE B 251 -22.52 -13.72 26.37
C ILE B 251 -24.00 -13.99 26.59
N ARG B 252 -24.49 -15.16 26.17
CA ARG B 252 -25.88 -15.51 26.45
C ARG B 252 -26.14 -15.60 27.95
N ALA B 253 -25.19 -16.15 28.72
CA ALA B 253 -25.33 -16.16 30.17
C ALA B 253 -25.60 -14.77 30.71
N VAL B 254 -24.93 -13.76 30.16
CA VAL B 254 -25.17 -12.40 30.63
C VAL B 254 -26.54 -11.92 30.17
N CYS B 255 -27.01 -12.40 29.01
CA CYS B 255 -28.34 -12.04 28.53
C CYS B 255 -29.42 -12.49 29.49
N GLU B 256 -29.36 -13.76 29.89
CA GLU B 256 -30.40 -14.32 30.75
C GLU B 256 -30.42 -13.61 32.09
N ALA B 257 -29.24 -13.40 32.69
CA ALA B 257 -29.15 -12.74 33.98
C ALA B 257 -29.83 -11.39 33.99
N TYR B 258 -29.63 -10.62 32.92
CA TYR B 258 -30.18 -9.27 32.84
C TYR B 258 -31.44 -9.20 32.00
N GLY B 259 -31.91 -10.31 31.46
CA GLY B 259 -33.06 -10.25 30.58
C GLY B 259 -32.86 -9.33 29.39
N THR B 260 -31.71 -9.41 28.73
CA THR B 260 -31.44 -8.66 27.51
C THR B 260 -31.13 -9.62 26.37
N THR B 261 -30.93 -9.05 25.18
CA THR B 261 -30.62 -9.81 23.96
C THR B 261 -29.11 -9.89 23.79
N VAL B 262 -28.68 -10.73 22.83
CA VAL B 262 -27.25 -10.77 22.50
C VAL B 262 -26.80 -9.43 21.93
N ASN B 263 -27.56 -8.89 20.97
CA ASN B 263 -27.21 -7.60 20.37
C ASN B 263 -27.01 -6.53 21.42
N ASP B 264 -27.81 -6.54 22.50
CA ASP B 264 -27.67 -5.54 23.56
C ASP B 264 -26.32 -5.68 24.25
N VAL B 265 -25.95 -6.90 24.65
CA VAL B 265 -24.71 -7.08 25.39
C VAL B 265 -23.51 -6.66 24.54
N VAL B 266 -23.49 -7.06 23.27
CA VAL B 266 -22.36 -6.75 22.42
C VAL B 266 -22.26 -5.24 22.18
N THR B 267 -23.40 -4.55 22.11
CA THR B 267 -23.37 -3.10 22.00
C THR B 267 -22.87 -2.48 23.31
N ALA B 268 -23.27 -3.07 24.44
CA ALA B 268 -22.76 -2.64 25.74
C ALA B 268 -21.25 -2.88 25.86
N MET B 269 -20.76 -4.02 25.35
CA MET B 269 -19.32 -4.23 25.32
C MET B 269 -18.62 -3.11 24.57
N CYS B 270 -19.18 -2.68 23.43
CA CYS B 270 -18.61 -1.54 22.70
C CYS B 270 -18.70 -0.25 23.52
N ALA B 271 -19.87 0.04 24.10
CA ALA B 271 -20.01 1.22 24.97
C ALA B 271 -18.97 1.22 26.09
N ALA B 272 -18.82 0.09 26.80
CA ALA B 272 -17.84 0.01 27.87
C ALA B 272 -16.42 0.24 27.35
N ALA B 273 -16.03 -0.51 26.30
CA ALA B 273 -14.69 -0.35 25.73
C ALA B 273 -14.43 1.09 25.32
N LEU B 274 -15.40 1.72 24.64
CA LEU B 274 -15.21 3.10 24.19
C LEU B 274 -15.04 4.02 25.39
N ARG B 275 -15.82 3.76 26.45
CA ARG B 275 -15.74 4.58 27.66
C ARG B 275 -14.35 4.46 28.28
N THR B 276 -13.89 3.23 28.50
CA THR B 276 -12.56 3.05 29.08
C THR B 276 -11.49 3.69 28.22
N TYR B 277 -11.58 3.52 26.89
CA TYR B 277 -10.55 4.06 26.01
C TYR B 277 -10.48 5.58 26.11
N LEU B 278 -11.63 6.27 26.12
CA LEU B 278 -11.60 7.72 26.12
C LEU B 278 -11.25 8.29 27.49
N MET B 279 -11.64 7.63 28.56
CA MET B 279 -11.15 8.03 29.87
C MET B 279 -9.64 7.92 29.91
N ASN B 280 -9.12 6.74 29.53
CA ASN B 280 -7.68 6.53 29.51
C ASN B 280 -6.96 7.60 28.71
N GLN B 281 -7.59 8.18 27.68
CA GLN B 281 -7.00 9.30 26.95
C GLN B 281 -7.32 10.66 27.57
N ASP B 282 -8.05 10.69 28.69
CA ASP B 282 -8.55 11.93 29.27
C ASP B 282 -9.37 12.71 28.26
N ALA B 283 -10.10 12.00 27.42
CA ALA B 283 -10.82 12.59 26.29
C ALA B 283 -12.24 12.05 26.23
N LEU B 284 -12.79 11.65 27.37
CA LEU B 284 -14.16 11.18 27.43
C LEU B 284 -15.10 12.38 27.49
N PRO B 285 -16.04 12.53 26.55
CA PRO B 285 -16.94 13.69 26.57
C PRO B 285 -17.91 13.61 27.73
N GLU B 286 -18.47 14.78 28.08
CA GLU B 286 -19.49 14.84 29.13
C GLU B 286 -20.81 14.23 28.64
N LYS B 287 -21.27 14.65 27.46
CA LYS B 287 -22.41 13.97 26.86
C LYS B 287 -22.01 12.57 26.40
N PRO B 288 -22.93 11.62 26.46
CA PRO B 288 -22.60 10.25 26.03
C PRO B 288 -22.33 10.19 24.52
N LEU B 289 -21.59 9.15 24.13
CA LEU B 289 -21.36 8.91 22.72
C LEU B 289 -22.62 8.35 22.06
N VAL B 290 -22.77 8.63 20.76
CA VAL B 290 -23.86 8.09 19.96
C VAL B 290 -23.29 7.23 18.85
N ALA B 291 -23.95 6.09 18.58
CA ALA B 291 -23.49 5.11 17.61
C ALA B 291 -24.48 4.97 16.46
N PHE B 292 -23.96 4.93 15.24
CA PHE B 292 -24.71 4.58 14.05
C PHE B 292 -24.83 3.05 13.96
N VAL B 293 -26.05 2.53 14.08
CA VAL B 293 -26.28 1.09 14.24
C VAL B 293 -27.30 0.54 13.24
N PRO B 294 -26.88 -0.13 12.17
CA PRO B 294 -27.85 -0.85 11.33
C PRO B 294 -28.58 -1.94 12.13
N VAL B 295 -29.87 -2.12 11.82
CA VAL B 295 -30.70 -3.21 12.37
C VAL B 295 -31.50 -3.85 11.25
N GLY B 309 -32.95 -1.10 8.61
CA GLY B 309 -33.13 0.17 9.30
C GLY B 309 -31.84 0.72 9.89
N VAL B 310 -31.87 1.95 10.39
CA VAL B 310 -30.69 2.58 10.99
C VAL B 310 -31.10 3.24 12.32
N ILE B 311 -30.44 2.82 13.40
CA ILE B 311 -30.68 3.34 14.74
C ILE B 311 -29.57 4.31 15.09
N LEU B 312 -29.93 5.47 15.65
CA LEU B 312 -28.97 6.39 16.26
C LEU B 312 -29.08 6.14 17.76
N ALA B 313 -28.35 5.13 18.23
CA ALA B 313 -28.45 4.62 19.59
C ALA B 313 -27.39 5.28 20.47
N SER B 314 -27.84 5.86 21.57
CA SER B 314 -26.92 6.37 22.58
C SER B 314 -26.15 5.22 23.19
N LEU B 315 -24.83 5.41 23.34
CA LEU B 315 -24.03 4.41 24.01
C LEU B 315 -23.94 4.61 25.52
N HIS B 316 -24.37 5.77 26.02
CA HIS B 316 -24.42 6.06 27.48
C HIS B 316 -23.06 5.92 28.12
N THR B 317 -22.04 6.48 27.48
CA THR B 317 -20.68 6.45 28.01
C THR B 317 -20.50 7.38 29.19
N ASP B 318 -21.54 8.09 29.59
CA ASP B 318 -21.52 8.91 30.81
C ASP B 318 -21.98 8.15 32.04
N VAL B 319 -22.42 6.90 31.87
CA VAL B 319 -22.92 6.06 32.95
C VAL B 319 -21.78 5.19 33.46
N GLN B 320 -21.66 5.04 34.78
CA GLN B 320 -20.52 4.35 35.37
C GLN B 320 -20.75 2.87 35.65
N GLU B 321 -21.86 2.51 36.26
CA GLU B 321 -22.09 1.09 36.52
C GLU B 321 -22.46 0.37 35.22
N ALA B 322 -22.00 -0.87 35.11
CA ALA B 322 -22.14 -1.63 33.88
C ALA B 322 -23.60 -2.07 33.67
N GLY B 323 -24.25 -2.58 34.72
CA GLY B 323 -25.63 -3.00 34.59
C GLY B 323 -26.56 -1.86 34.23
N GLU B 324 -26.32 -0.68 34.80
CA GLU B 324 -27.08 0.49 34.43
C GLU B 324 -26.90 0.82 32.94
N ARG B 325 -25.63 0.80 32.48
CA ARG B 325 -25.35 1.15 31.08
C ARG B 325 -25.95 0.14 30.11
N LEU B 326 -25.82 -1.16 30.40
CA LEU B 326 -26.44 -2.15 29.54
C LEU B 326 -27.95 -1.90 29.38
N LEU B 327 -28.66 -1.64 30.49
CA LEU B 327 -30.12 -1.52 30.41
C LEU B 327 -30.58 -0.22 29.77
N LYS B 328 -29.92 0.90 30.09
CA LYS B 328 -30.21 2.13 29.34
C LYS B 328 -29.93 1.96 27.86
N ILE B 329 -28.93 1.15 27.50
CA ILE B 329 -28.69 0.83 26.08
C ILE B 329 -29.80 -0.05 25.55
N HIS B 330 -30.23 -1.04 26.34
CA HIS B 330 -31.25 -1.98 25.87
C HIS B 330 -32.56 -1.26 25.56
N HIS B 331 -33.10 -0.53 26.54
CA HIS B 331 -34.34 0.19 26.32
C HIS B 331 -34.18 1.28 25.27
N GLY B 332 -33.01 1.92 25.23
CA GLY B 332 -32.79 2.97 24.26
C GLY B 332 -32.86 2.47 22.83
N MET B 333 -32.43 1.24 22.58
CA MET B 333 -32.48 0.69 21.23
C MET B 333 -33.84 0.05 20.95
N GLU B 334 -34.40 -0.64 21.94
CA GLU B 334 -35.77 -1.13 21.86
C GLU B 334 -36.72 -0.02 21.42
N GLU B 335 -36.67 1.13 22.10
CA GLU B 335 -37.56 2.25 21.79
C GLU B 335 -37.22 2.89 20.45
N ALA B 336 -35.94 2.91 20.07
CA ALA B 336 -35.58 3.53 18.80
C ALA B 336 -36.01 2.68 17.61
N LYS B 337 -35.99 1.36 17.76
CA LYS B 337 -36.51 0.51 16.69
C LYS B 337 -38.02 0.67 16.56
N GLN B 338 -38.73 0.87 17.67
CA GLN B 338 -40.20 0.92 17.62
C GLN B 338 -40.70 2.14 16.85
N ARG B 339 -39.90 3.20 16.76
CA ARG B 339 -40.18 4.34 15.89
C ARG B 339 -40.20 3.91 14.43
N TYR B 340 -39.90 2.64 14.15
CA TYR B 340 -39.98 2.07 12.82
C TYR B 340 -41.16 1.12 12.64
N ARG B 341 -41.90 0.81 13.71
CA ARG B 341 -42.97 -0.16 13.62
C ARG B 341 -43.99 0.21 12.54
N HIS B 342 -44.42 1.46 12.54
CA HIS B 342 -45.48 1.92 11.63
C HIS B 342 -44.90 2.67 10.44
N MET B 343 -43.96 2.04 9.74
CA MET B 343 -43.30 2.67 8.60
C MET B 343 -43.03 1.63 7.52
N SER B 344 -43.32 2.01 6.27
CA SER B 344 -43.10 1.22 5.07
C SER B 344 -41.70 1.45 4.53
N PRO B 345 -41.19 0.53 3.71
CA PRO B 345 -39.83 0.71 3.16
C PRO B 345 -39.63 2.07 2.54
N GLU B 346 -40.58 2.54 1.72
CA GLU B 346 -40.50 3.90 1.17
C GLU B 346 -40.34 4.93 2.28
N GLU B 347 -41.05 4.76 3.39
CA GLU B 347 -40.94 5.70 4.50
C GLU B 347 -39.54 5.62 5.14
N ILE B 348 -39.13 4.42 5.56
CA ILE B 348 -37.84 4.25 6.22
C ILE B 348 -36.73 4.85 5.37
N VAL B 349 -36.71 4.50 4.09
CA VAL B 349 -35.68 5.01 3.17
C VAL B 349 -35.66 6.53 3.15
N ASN B 350 -36.84 7.15 3.14
CA ASN B 350 -36.89 8.61 3.11
C ASN B 350 -36.57 9.23 4.47
N TYR B 351 -37.11 8.65 5.55
CA TYR B 351 -36.72 9.10 6.88
C TYR B 351 -35.22 8.91 7.10
N THR B 352 -34.68 7.76 6.72
CA THR B 352 -33.24 7.53 6.84
C THR B 352 -32.45 8.58 6.08
N ALA B 353 -32.83 8.83 4.82
CA ALA B 353 -32.05 9.74 3.97
C ALA B 353 -32.14 11.18 4.47
N LEU B 354 -33.31 11.59 4.99
CA LEU B 354 -33.46 12.97 5.46
C LEU B 354 -32.76 13.18 6.81
N THR B 355 -32.83 12.20 7.71
CA THR B 355 -32.20 12.33 9.01
C THR B 355 -30.69 12.51 8.89
N LEU B 356 -30.06 11.81 7.93
CA LEU B 356 -28.60 11.73 7.86
C LEU B 356 -27.97 12.77 6.93
N ALA B 357 -28.77 13.49 6.14
CA ALA B 357 -28.23 14.51 5.25
C ALA B 357 -27.36 15.55 5.97
N PRO B 358 -27.71 16.04 7.16
CA PRO B 358 -26.75 16.94 7.85
C PRO B 358 -25.47 16.24 8.24
N ALA B 359 -25.54 14.98 8.67
CA ALA B 359 -24.31 14.25 8.97
C ALA B 359 -23.45 14.08 7.73
N ALA B 360 -24.08 13.82 6.58
CA ALA B 360 -23.32 13.70 5.34
C ALA B 360 -22.60 14.99 5.00
N PHE B 361 -23.28 16.14 5.18
CA PHE B 361 -22.63 17.42 4.94
C PHE B 361 -21.44 17.62 5.85
N HIS B 362 -21.56 17.18 7.11
CA HIS B 362 -20.45 17.40 8.03
C HIS B 362 -19.27 16.48 7.70
N LEU B 363 -19.54 15.19 7.45
CA LEU B 363 -18.48 14.24 7.04
C LEU B 363 -17.69 14.78 5.85
N LEU B 364 -18.42 15.23 4.80
CA LEU B 364 -17.78 15.68 3.57
C LEU B 364 -16.97 16.96 3.77
N THR B 365 -17.41 17.83 4.67
CA THR B 365 -16.82 19.17 4.70
C THR B 365 -16.12 19.54 6.00
N GLY B 366 -16.51 18.94 7.13
CA GLY B 366 -15.97 19.37 8.40
C GLY B 366 -16.39 20.78 8.80
N LEU B 367 -17.44 21.32 8.19
CA LEU B 367 -17.89 22.69 8.45
C LEU B 367 -19.15 22.77 9.29
N ALA B 368 -19.61 21.65 9.90
CA ALA B 368 -20.83 21.61 10.69
C ALA B 368 -20.73 20.66 11.89
N PRO B 369 -19.81 20.91 12.85
CA PRO B 369 -19.61 19.98 13.97
C PRO B 369 -20.86 19.63 14.74
N LYS B 370 -21.77 20.58 14.90
CA LYS B 370 -23.03 20.31 15.58
C LYS B 370 -23.86 19.26 14.85
N TRP B 371 -23.58 18.98 13.59
CA TRP B 371 -24.34 18.00 12.81
C TRP B 371 -23.69 16.61 12.81
N GLN B 372 -22.64 16.39 13.62
CA GLN B 372 -21.92 15.12 13.59
C GLN B 372 -22.86 13.92 13.69
N THR B 373 -23.85 13.99 14.60
CA THR B 373 -24.98 13.05 14.70
C THR B 373 -24.61 11.66 15.21
N PHE B 374 -23.41 11.18 14.89
CA PHE B 374 -22.97 9.95 15.51
C PHE B 374 -21.46 9.95 15.57
N ASN B 375 -20.94 9.30 16.60
CA ASN B 375 -19.50 9.33 16.81
C ASN B 375 -18.81 8.11 16.23
N VAL B 376 -19.55 7.04 15.93
CA VAL B 376 -18.93 5.80 15.47
C VAL B 376 -20.00 4.94 14.80
N VAL B 377 -19.57 4.08 13.88
CA VAL B 377 -20.41 3.03 13.31
C VAL B 377 -20.15 1.74 14.07
N ILE B 378 -21.21 1.07 14.46
CA ILE B 378 -21.12 -0.27 15.05
C ILE B 378 -21.99 -1.18 14.20
N SER B 379 -21.37 -1.92 13.29
CA SER B 379 -22.08 -2.76 12.33
C SER B 379 -22.07 -4.21 12.78
N ASN B 380 -23.19 -4.89 12.60
CA ASN B 380 -23.34 -6.26 13.06
C ASN B 380 -24.04 -7.03 11.95
N VAL B 381 -23.28 -7.89 11.27
CA VAL B 381 -23.84 -8.64 10.16
C VAL B 381 -23.65 -10.14 10.42
N PRO B 382 -24.71 -10.86 10.79
CA PRO B 382 -24.56 -12.24 11.30
C PRO B 382 -23.95 -13.18 10.26
N GLY B 383 -23.29 -14.23 10.75
CA GLY B 383 -22.61 -15.17 9.90
C GLY B 383 -23.07 -16.61 10.04
N PRO B 384 -22.23 -17.55 9.62
CA PRO B 384 -22.64 -18.96 9.58
C PRO B 384 -22.68 -19.61 10.96
N SER B 385 -23.70 -20.47 11.14
CA SER B 385 -24.05 -21.03 12.45
C SER B 385 -23.28 -22.29 12.83
N ARG B 386 -22.46 -22.83 11.93
CA ARG B 386 -21.80 -24.12 12.15
C ARG B 386 -20.36 -24.04 11.68
N PRO B 387 -19.47 -24.89 12.20
CA PRO B 387 -18.05 -24.82 11.82
C PRO B 387 -17.84 -25.04 10.34
N LEU B 388 -16.72 -24.51 9.84
CA LEU B 388 -16.46 -24.48 8.41
C LEU B 388 -15.01 -24.85 8.15
N TYR B 389 -14.75 -25.27 6.92
CA TYR B 389 -13.43 -25.75 6.51
C TYR B 389 -13.17 -25.30 5.08
N TRP B 390 -11.91 -24.98 4.81
CA TRP B 390 -11.40 -24.83 3.44
C TRP B 390 -10.46 -26.01 3.22
N ASN B 391 -10.85 -26.88 2.29
CA ASN B 391 -10.11 -28.11 1.97
C ASN B 391 -9.51 -28.74 3.22
N GLY B 392 -10.36 -28.92 4.24
CA GLY B 392 -9.97 -29.51 5.50
C GLY B 392 -9.24 -28.60 6.46
N ALA B 393 -9.00 -27.34 6.10
CA ALA B 393 -8.46 -26.38 7.04
C ALA B 393 -9.64 -25.73 7.77
N LYS B 394 -9.70 -25.91 9.08
CA LYS B 394 -10.82 -25.37 9.84
C LYS B 394 -10.68 -23.85 9.96
N LEU B 395 -11.72 -23.14 9.55
CA LEU B 395 -11.82 -21.73 9.89
C LEU B 395 -11.95 -21.60 11.40
N GLU B 396 -10.98 -20.93 12.04
CA GLU B 396 -11.00 -20.67 13.47
C GLU B 396 -11.59 -19.31 13.86
N GLY B 397 -11.69 -18.36 12.92
CA GLY B 397 -12.20 -17.03 13.23
C GLY B 397 -12.20 -16.14 11.99
N MET B 398 -13.28 -15.39 11.78
CA MET B 398 -13.44 -14.50 10.62
C MET B 398 -13.76 -13.11 11.13
N TYR B 399 -12.97 -12.12 10.71
CA TYR B 399 -12.98 -10.77 11.28
C TYR B 399 -13.09 -9.75 10.15
N PRO B 400 -14.17 -8.97 10.09
CA PRO B 400 -14.28 -7.96 9.05
C PRO B 400 -13.30 -6.80 9.31
N VAL B 401 -12.91 -6.14 8.21
CA VAL B 401 -12.02 -5.00 8.23
C VAL B 401 -12.72 -3.91 7.46
N SER B 402 -13.11 -2.85 8.14
CA SER B 402 -14.03 -1.93 7.49
C SER B 402 -13.31 -0.62 7.09
N ILE B 403 -14.08 0.45 6.93
CA ILE B 403 -13.60 1.72 6.38
C ILE B 403 -13.69 2.80 7.44
N ASP B 404 -12.57 3.46 7.71
CA ASP B 404 -12.50 4.76 8.37
C ASP B 404 -12.63 5.90 7.37
N MET B 405 -13.07 7.05 7.89
CA MET B 405 -13.25 8.29 7.15
C MET B 405 -12.75 9.44 8.00
N ASP B 406 -12.40 10.56 7.33
CA ASP B 406 -12.34 11.85 8.00
C ASP B 406 -13.57 12.04 8.89
N ARG B 407 -13.34 12.32 10.17
CA ARG B 407 -14.35 12.53 11.22
C ARG B 407 -15.11 11.25 11.59
N LEU B 408 -14.66 10.07 11.12
CA LEU B 408 -15.03 8.76 11.70
C LEU B 408 -13.74 7.93 11.79
N ALA B 409 -12.86 8.27 12.75
CA ALA B 409 -11.58 7.59 12.87
C ALA B 409 -11.73 6.10 13.14
N LEU B 410 -12.83 5.69 13.79
CA LEU B 410 -13.01 4.33 14.29
C LEU B 410 -14.26 3.70 13.68
N ASN B 411 -14.12 2.48 13.19
CA ASN B 411 -15.26 1.73 12.68
C ASN B 411 -15.25 0.36 13.35
N MET B 412 -16.32 0.06 14.08
CA MET B 412 -16.43 -1.19 14.81
C MET B 412 -17.34 -2.11 14.02
N THR B 413 -16.83 -3.26 13.61
CA THR B 413 -17.63 -4.17 12.82
C THR B 413 -17.65 -5.55 13.45
N LEU B 414 -18.84 -6.14 13.46
CA LEU B 414 -19.14 -7.34 14.22
C LEU B 414 -19.80 -8.37 13.35
N THR B 415 -19.52 -9.62 13.66
CA THR B 415 -20.11 -10.75 12.97
C THR B 415 -20.07 -11.92 13.94
N SER B 416 -20.77 -12.98 13.58
CA SER B 416 -20.75 -14.19 14.39
C SER B 416 -20.36 -15.36 13.52
N TYR B 417 -19.70 -16.32 14.14
CA TYR B 417 -19.32 -17.58 13.49
C TYR B 417 -19.46 -18.66 14.55
N ASN B 418 -20.45 -19.54 14.38
CA ASN B 418 -20.65 -20.71 15.22
C ASN B 418 -20.62 -20.35 16.72
N ASP B 419 -19.57 -20.78 17.42
CA ASP B 419 -19.46 -20.65 18.87
C ASP B 419 -19.36 -19.21 19.34
N GLN B 420 -19.04 -18.25 18.47
CA GLN B 420 -18.41 -17.02 18.96
C GLN B 420 -18.95 -15.80 18.22
N VAL B 421 -18.65 -14.63 18.79
CA VAL B 421 -18.95 -13.34 18.19
C VAL B 421 -17.62 -12.66 17.90
N GLU B 422 -17.51 -12.10 16.70
CA GLU B 422 -16.22 -11.64 16.17
C GLU B 422 -16.20 -10.12 16.11
N PHE B 423 -15.18 -9.51 16.71
CA PHE B 423 -15.04 -8.06 16.75
C PHE B 423 -13.93 -7.64 15.81
N GLY B 424 -14.26 -6.78 14.84
CA GLY B 424 -13.24 -6.11 14.04
C GLY B 424 -13.24 -4.61 14.23
N LEU B 425 -12.19 -4.09 14.86
CA LEU B 425 -11.99 -2.67 15.10
C LEU B 425 -10.89 -2.17 14.17
N ILE B 426 -11.24 -1.24 13.26
CA ILE B 426 -10.28 -0.61 12.35
C ILE B 426 -10.27 0.89 12.63
N GLY B 427 -9.08 1.45 12.76
CA GLY B 427 -8.98 2.84 13.17
C GLY B 427 -7.77 3.53 12.57
N CYS B 428 -7.87 4.86 12.50
CA CYS B 428 -6.72 5.65 12.09
C CYS B 428 -5.63 5.53 13.14
N ARG B 429 -4.44 5.08 12.74
CA ARG B 429 -3.35 4.85 13.70
C ARG B 429 -2.97 6.12 14.45
N ARG B 430 -3.01 7.30 13.80
CA ARG B 430 -2.57 8.51 14.51
C ARG B 430 -3.61 8.99 15.52
N THR B 431 -4.87 9.10 15.12
CA THR B 431 -5.79 9.74 16.04
C THR B 431 -6.23 8.80 17.16
N LEU B 432 -5.98 7.50 17.01
CA LEU B 432 -6.41 6.52 18.02
C LEU B 432 -5.21 5.71 18.50
N PRO B 433 -4.31 6.34 19.25
CA PRO B 433 -3.13 5.62 19.76
C PRO B 433 -3.54 4.45 20.67
N SER B 434 -2.88 3.31 20.45
CA SER B 434 -2.98 2.13 21.30
C SER B 434 -4.35 1.45 21.16
N LEU B 435 -4.87 1.46 19.94
CA LEU B 435 -6.23 0.99 19.68
C LEU B 435 -6.41 -0.48 20.05
N GLN B 436 -5.33 -1.27 20.04
CA GLN B 436 -5.43 -2.68 20.39
C GLN B 436 -5.90 -2.85 21.83
N ARG B 437 -5.67 -1.86 22.69
CA ARG B 437 -6.08 -2.00 24.07
C ARG B 437 -7.60 -2.09 24.19
N MET B 438 -8.34 -1.65 23.17
CA MET B 438 -9.79 -1.76 23.22
C MET B 438 -10.27 -3.21 23.25
N LEU B 439 -9.44 -4.16 22.83
CA LEU B 439 -9.76 -5.58 22.99
C LEU B 439 -9.86 -5.95 24.47
N ASP B 440 -8.90 -5.49 25.28
CA ASP B 440 -8.99 -5.73 26.71
C ASP B 440 -10.13 -4.95 27.32
N TYR B 441 -10.44 -3.76 26.77
CA TYR B 441 -11.53 -2.96 27.30
C TYR B 441 -12.88 -3.58 26.98
N LEU B 442 -13.02 -4.20 25.80
CA LEU B 442 -14.23 -4.95 25.52
C LEU B 442 -14.36 -6.11 26.49
N GLU B 443 -13.26 -6.82 26.73
CA GLU B 443 -13.31 -8.01 27.57
C GLU B 443 -13.60 -7.63 29.01
N GLN B 444 -13.04 -6.51 29.46
CA GLN B 444 -13.33 -6.01 30.79
C GLN B 444 -14.80 -5.56 30.91
N GLY B 445 -15.36 -4.99 29.84
CA GLY B 445 -16.77 -4.61 29.85
C GLY B 445 -17.69 -5.81 30.04
N LEU B 446 -17.34 -6.94 29.43
CA LEU B 446 -18.16 -8.13 29.61
C LEU B 446 -17.94 -8.75 31.00
N ALA B 447 -16.71 -8.75 31.50
CA ALA B 447 -16.44 -9.32 32.82
C ALA B 447 -17.08 -8.49 33.93
N GLU B 448 -17.18 -7.17 33.74
CA GLU B 448 -17.82 -6.32 34.75
C GLU B 448 -19.29 -6.67 34.89
N LEU B 449 -19.98 -6.86 33.76
CA LEU B 449 -21.35 -7.37 33.80
C LEU B 449 -21.38 -8.75 34.47
N GLU B 450 -20.39 -9.59 34.20
CA GLU B 450 -20.41 -10.93 34.79
C GLU B 450 -20.24 -10.89 36.30
N LEU B 451 -19.27 -10.09 36.79
CA LEU B 451 -19.12 -9.93 38.23
C LEU B 451 -20.39 -9.39 38.85
N ASN B 452 -20.90 -8.27 38.33
CA ASN B 452 -22.07 -7.60 38.89
C ASN B 452 -23.25 -8.54 39.11
N ALA B 453 -23.34 -9.60 38.31
CA ALA B 453 -24.44 -10.54 38.44
C ALA B 453 -24.00 -11.90 38.95
N GLY B 454 -22.71 -12.10 39.21
CA GLY B 454 -22.21 -13.30 39.84
C GLY B 454 -22.33 -14.58 39.03
N LEU B 455 -21.92 -14.54 37.77
CA LEU B 455 -22.02 -15.74 36.92
C LEU B 455 -20.72 -16.54 36.93
CL CL C . 0.44 1.96 9.69
CL CL D . 4.59 6.50 5.34
CL CL E . -0.34 3.27 0.70
CL CL F . -8.50 1.34 -2.16
CL CL G . -5.43 -3.64 -6.97
CL CL H . 2.44 -4.83 -7.67
#